data_7O77
#
_entry.id   7O77
#
_cell.length_a   79.525
_cell.length_b   79.525
_cell.length_c   269.472
_cell.angle_alpha   90.000
_cell.angle_beta   90.000
_cell.angle_gamma   120.000
#
_symmetry.space_group_name_H-M   'P 31 2 1'
#
loop_
_entity.id
_entity.type
_entity.pdbx_description
1 polymer 'Poly(Beta-D-mannuronate) lyase'
2 non-polymer GLYCEROL
3 water water
#
_entity_poly.entity_id   1
_entity_poly.type   'polypeptide(L)'
_entity_poly.pdbx_seq_one_letter_code
;MALVENIKQFNDAVSSVKPGDEIVLANGSWNDVELVLKGKGLPDKPITLKAQTPGKVIITGQSNLAFSGEYIVISGLVFK
DGATPTGEVISFRTSNEDVANHSRVTNTVIDNFSTDLRQMSDLWVAMYGKHNRLDHNSLVNKRNRGVTVAVRMNSEASRK
NHHIIEYNYFGPRQILGANGGETLRIGTSHFSREYSNTTAQYNYFDRTNGEHEIISNKSSGNSLIKNVFFETQGTLTMRH
GHFTKVEGNYFLGNRKPNTGGIRIINESQTVSNNYMYGLTGKRLRGALVIMNGVPNSPPNRYDPVIDSAMNNNIVIDSDH
IELGAGADAERSAAPSTSEFKGNIILGKSNLEPFTLYDDMSGINFEGNYLNDEASTPIKTGFASTPYSVTTNQYGLKSPD
KALLDEIGFGEVKLPVTKEEVGADFYPKNEALVAFQSGKTIHVKAGTDTLTSALATSQGGDVLVLENGADYLLTKFAEVH
HPVTIMAKAGKKPVIRSQKPNFINIENGGALEVENLWFDGAESPDYKGNTIIGTSGYSMNINYNLSVRNVKVTDLDVNGY
FYFFKANAGTFADSIEIIDSEFSNITGAILQLNREVDDLGVYSVENLVISGNTFTNVKEEVVTVYRGGTDESTFGPMVSV
TNNTLTNVGKGSTHRSGASMYFHGVQKLNISETKWDNSAPLELFLTNGGPITVIDNVEMKNTDKIRANNDEYESSNVTYD
;
_entity_poly.pdbx_strand_id   A
#
# COMPACT_ATOMS: atom_id res chain seq x y z
N MET A 1 -13.23 40.58 2.54
CA MET A 1 -12.92 41.39 3.71
C MET A 1 -11.38 41.43 3.97
N ALA A 2 -10.93 41.64 5.23
CA ALA A 2 -9.51 41.77 5.64
C ALA A 2 -8.53 40.77 5.00
N LEU A 3 -7.68 41.27 4.10
CA LEU A 3 -6.66 40.44 3.46
C LEU A 3 -5.39 40.46 4.33
N VAL A 4 -4.73 39.29 4.48
CA VAL A 4 -3.51 39.17 5.27
C VAL A 4 -2.36 38.52 4.46
N GLU A 5 -1.08 38.85 4.80
CA GLU A 5 0.11 38.25 4.15
C GLU A 5 1.19 37.83 5.21
N ASN A 6 0.83 37.79 6.50
CA ASN A 6 1.73 37.35 7.55
C ASN A 6 0.95 36.83 8.75
N ILE A 7 1.63 36.10 9.64
CA ILE A 7 1.04 35.53 10.84
C ILE A 7 0.39 36.58 11.78
N LYS A 8 1.02 37.77 11.97
CA LYS A 8 0.48 38.84 12.84
C LYS A 8 -0.89 39.37 12.33
N GLN A 9 -0.94 39.79 11.05
CA GLN A 9 -2.14 40.27 10.36
C GLN A 9 -3.23 39.19 10.41
N PHE A 10 -2.83 37.92 10.21
CA PHE A 10 -3.75 36.78 10.25
C PHE A 10 -4.35 36.64 11.65
N ASN A 11 -3.53 36.62 12.70
CA ASN A 11 -4.04 36.46 14.07
C ASN A 11 -4.80 37.68 14.58
N ASP A 12 -4.60 38.85 13.94
CA ASP A 12 -5.34 40.05 14.28
C ASP A 12 -6.76 39.87 13.72
N ALA A 13 -6.87 39.47 12.43
CA ALA A 13 -8.13 39.18 11.76
C ALA A 13 -8.92 38.06 12.44
N VAL A 14 -8.23 37.12 13.11
CA VAL A 14 -8.91 36.04 13.84
C VAL A 14 -9.50 36.57 15.14
N SER A 15 -8.72 37.39 15.86
CA SER A 15 -9.13 38.02 17.13
C SER A 15 -10.35 38.92 16.89
N SER A 16 -10.35 39.66 15.77
CA SER A 16 -11.40 40.57 15.35
C SER A 16 -12.25 39.91 14.26
N VAL A 17 -13.00 38.86 14.65
CA VAL A 17 -13.83 38.16 13.69
C VAL A 17 -15.29 38.11 14.18
N LYS A 18 -16.23 38.13 13.23
CA LYS A 18 -17.66 38.14 13.49
C LYS A 18 -18.41 37.47 12.30
N PRO A 19 -19.65 36.99 12.51
CA PRO A 19 -20.36 36.31 11.42
C PRO A 19 -20.42 37.07 10.12
N GLY A 20 -19.98 36.45 9.04
CA GLY A 20 -20.00 37.08 7.72
C GLY A 20 -18.64 37.49 7.20
N ASP A 21 -17.74 37.90 8.11
CA ASP A 21 -16.37 38.34 7.77
C ASP A 21 -15.57 37.24 7.11
N GLU A 22 -14.77 37.58 6.10
CA GLU A 22 -13.92 36.58 5.44
C GLU A 22 -12.42 36.93 5.52
N ILE A 23 -11.61 36.09 6.20
CA ILE A 23 -10.15 36.29 6.31
C ILE A 23 -9.51 35.69 5.08
N VAL A 24 -8.77 36.49 4.33
CA VAL A 24 -8.18 36.02 3.08
C VAL A 24 -6.66 35.94 3.15
N LEU A 25 -6.07 34.82 2.71
CA LEU A 25 -4.62 34.68 2.67
C LEU A 25 -4.19 35.16 1.28
N ALA A 26 -3.21 36.06 1.21
CA ALA A 26 -2.75 36.59 -0.08
C ALA A 26 -1.93 35.56 -0.82
N ASN A 27 -2.02 35.56 -2.17
CA ASN A 27 -1.28 34.66 -3.05
C ASN A 27 0.21 34.70 -2.72
N GLY A 28 0.83 33.53 -2.65
CA GLY A 28 2.24 33.39 -2.29
C GLY A 28 2.50 32.30 -1.28
N SER A 29 3.76 32.16 -0.82
CA SER A 29 4.10 31.09 0.12
C SER A 29 3.94 31.44 1.59
N TRP A 30 3.49 30.44 2.34
CA TRP A 30 3.25 30.51 3.77
C TRP A 30 3.96 29.31 4.40
N ASN A 31 5.23 29.53 4.79
CA ASN A 31 6.12 28.56 5.39
C ASN A 31 6.05 28.63 6.91
N ASP A 32 6.10 27.46 7.59
CA ASP A 32 6.05 27.34 9.04
C ASP A 32 4.93 28.16 9.69
N VAL A 33 3.67 27.87 9.33
CA VAL A 33 2.52 28.60 9.85
C VAL A 33 1.49 27.72 10.57
N GLU A 34 1.31 27.95 11.87
CA GLU A 34 0.32 27.21 12.64
C GLU A 34 -0.99 27.99 12.75
N LEU A 35 -1.79 27.95 11.67
CA LEU A 35 -3.06 28.65 11.54
C LEU A 35 -4.08 28.18 12.51
N VAL A 36 -4.57 29.12 13.34
CA VAL A 36 -5.61 28.87 14.33
C VAL A 36 -6.72 29.86 14.04
N LEU A 37 -7.96 29.35 13.89
CA LEU A 37 -9.13 30.15 13.58
C LEU A 37 -10.30 29.74 14.47
N LYS A 38 -10.68 30.58 15.43
CA LYS A 38 -11.83 30.27 16.30
C LYS A 38 -13.03 31.19 15.89
N GLY A 39 -14.20 30.98 16.50
CA GLY A 39 -15.35 31.81 16.21
C GLY A 39 -16.68 31.16 15.89
N LYS A 40 -17.76 31.71 16.51
CA LYS A 40 -19.15 31.29 16.39
C LYS A 40 -19.89 32.03 15.27
N GLY A 41 -19.83 31.46 14.07
CA GLY A 41 -20.53 32.01 12.90
C GLY A 41 -22.03 31.73 12.93
N LEU A 42 -22.72 32.07 11.84
CA LEU A 42 -24.17 31.90 11.77
C LEU A 42 -24.59 31.10 10.55
N PRO A 43 -25.75 30.41 10.61
CA PRO A 43 -26.22 29.67 9.42
C PRO A 43 -26.28 30.51 8.15
N ASP A 44 -26.74 31.78 8.27
CA ASP A 44 -26.86 32.71 7.15
C ASP A 44 -25.54 33.45 6.88
N LYS A 45 -24.78 33.74 7.96
CA LYS A 45 -23.50 34.45 7.90
C LYS A 45 -22.30 33.58 8.40
N PRO A 46 -21.64 32.84 7.49
CA PRO A 46 -20.52 32.00 7.90
C PRO A 46 -19.11 32.65 7.94
N ILE A 47 -18.33 32.36 8.99
CA ILE A 47 -16.97 32.90 9.09
C ILE A 47 -16.02 32.12 8.17
N THR A 48 -15.55 32.75 7.08
CA THR A 48 -14.71 32.10 6.07
C THR A 48 -13.20 32.41 6.19
N LEU A 49 -12.34 31.46 5.79
CA LEU A 49 -10.88 31.58 5.68
C LEU A 49 -10.58 31.03 4.29
N LYS A 50 -10.32 31.92 3.32
CA LYS A 50 -10.10 31.48 1.95
C LYS A 50 -8.80 31.97 1.33
N ALA A 51 -8.42 31.38 0.21
CA ALA A 51 -7.26 31.82 -0.54
C ALA A 51 -7.66 33.04 -1.35
N GLN A 52 -6.69 33.89 -1.71
CA GLN A 52 -6.97 35.04 -2.56
C GLN A 52 -7.30 34.51 -3.96
N THR A 53 -6.49 33.57 -4.45
CA THR A 53 -6.74 32.88 -5.69
C THR A 53 -6.46 31.42 -5.42
N PRO A 54 -7.51 30.58 -5.35
CA PRO A 54 -7.28 29.14 -5.12
C PRO A 54 -6.17 28.53 -6.00
N GLY A 55 -5.10 28.07 -5.35
CA GLY A 55 -3.95 27.50 -6.06
C GLY A 55 -2.70 28.33 -5.97
N LYS A 56 -2.84 29.62 -5.67
CA LYS A 56 -1.70 30.52 -5.55
C LYS A 56 -1.29 30.72 -4.09
N VAL A 57 -2.17 30.43 -3.12
CA VAL A 57 -1.83 30.46 -1.71
C VAL A 57 -1.33 29.06 -1.40
N ILE A 58 -0.05 28.94 -1.06
CA ILE A 58 0.55 27.63 -0.82
C ILE A 58 1.20 27.56 0.55
N ILE A 59 0.81 26.57 1.35
CA ILE A 59 1.32 26.37 2.68
C ILE A 59 2.34 25.23 2.71
N THR A 60 3.60 25.52 3.12
CA THR A 60 4.71 24.54 3.20
C THR A 60 5.38 24.57 4.62
N GLY A 61 6.40 23.74 4.83
CA GLY A 61 7.15 23.66 6.08
C GLY A 61 6.35 23.09 7.23
N GLN A 62 6.74 23.44 8.47
CA GLN A 62 6.03 22.99 9.65
C GLN A 62 4.74 23.80 9.82
N SER A 63 3.70 23.44 9.07
CA SER A 63 2.43 24.15 9.05
C SER A 63 1.22 23.26 9.29
N ASN A 64 0.12 23.84 9.79
CA ASN A 64 -1.13 23.14 10.06
C ASN A 64 -2.35 24.12 10.12
N LEU A 65 -3.56 23.58 10.32
CA LEU A 65 -4.77 24.40 10.45
C LEU A 65 -5.61 23.79 11.53
N ALA A 66 -6.00 24.59 12.49
CA ALA A 66 -6.86 24.14 13.57
C ALA A 66 -8.04 25.13 13.64
N PHE A 67 -9.27 24.65 13.84
CA PHE A 67 -10.43 25.54 13.90
C PHE A 67 -11.57 25.03 14.75
N SER A 68 -12.23 25.93 15.48
CA SER A 68 -13.35 25.55 16.34
C SER A 68 -14.39 26.67 16.49
N GLY A 69 -15.64 26.28 16.69
CA GLY A 69 -16.76 27.20 16.82
C GLY A 69 -17.91 26.69 15.97
N GLU A 70 -18.56 27.58 15.17
CA GLU A 70 -19.69 27.17 14.31
C GLU A 70 -19.63 27.86 12.94
N TYR A 71 -20.19 27.22 11.94
CA TYR A 71 -20.32 27.70 10.57
C TYR A 71 -19.04 28.30 9.99
N ILE A 72 -17.92 27.64 10.25
CA ILE A 72 -16.63 28.07 9.71
C ILE A 72 -16.46 27.46 8.32
N VAL A 73 -15.88 28.20 7.37
CA VAL A 73 -15.65 27.69 6.02
C VAL A 73 -14.16 27.84 5.63
N ILE A 74 -13.56 26.77 5.08
CA ILE A 74 -12.17 26.80 4.63
C ILE A 74 -12.22 26.42 3.17
N SER A 75 -11.66 27.25 2.30
CA SER A 75 -11.67 26.96 0.86
C SER A 75 -10.47 27.55 0.12
N GLY A 76 -10.16 26.99 -1.05
CA GLY A 76 -9.10 27.44 -1.95
C GLY A 76 -7.66 27.17 -1.55
N LEU A 77 -7.44 26.71 -0.32
CA LEU A 77 -6.09 26.46 0.21
C LEU A 77 -5.35 25.29 -0.45
N VAL A 78 -4.03 25.28 -0.31
CA VAL A 78 -3.09 24.26 -0.77
C VAL A 78 -2.08 24.04 0.36
N PHE A 79 -1.66 22.79 0.57
CA PHE A 79 -0.71 22.37 1.59
C PHE A 79 0.27 21.45 0.89
N LYS A 80 1.33 21.99 0.28
CA LYS A 80 2.28 21.19 -0.50
C LYS A 80 3.65 21.07 0.14
N ASP A 81 4.38 19.95 -0.12
CA ASP A 81 5.72 19.65 0.37
C ASP A 81 6.05 20.22 1.75
N GLY A 82 5.63 19.55 2.81
CA GLY A 82 5.84 20.00 4.19
C GLY A 82 5.42 18.95 5.21
N ALA A 83 5.17 19.34 6.46
CA ALA A 83 4.72 18.40 7.50
C ALA A 83 4.14 19.13 8.68
N THR A 84 3.10 18.56 9.32
CA THR A 84 2.51 19.19 10.47
C THR A 84 3.40 18.96 11.67
N PRO A 85 3.60 19.99 12.51
CA PRO A 85 4.33 19.77 13.76
C PRO A 85 3.49 19.07 14.84
N THR A 86 2.20 18.81 14.59
CA THR A 86 1.31 18.11 15.53
C THR A 86 1.01 16.67 14.93
N GLY A 87 -0.12 16.04 15.29
CA GLY A 87 -0.53 14.77 14.72
C GLY A 87 -1.52 14.90 13.57
N GLU A 88 -1.94 16.16 13.21
CA GLU A 88 -2.92 16.45 12.17
C GLU A 88 -2.55 17.64 11.32
N VAL A 89 -2.74 17.55 10.00
CA VAL A 89 -2.50 18.68 9.11
C VAL A 89 -3.72 19.65 9.29
N ILE A 90 -4.94 19.28 8.82
CA ILE A 90 -6.16 20.06 8.97
C ILE A 90 -6.98 19.43 10.07
N SER A 91 -7.28 20.19 11.12
CA SER A 91 -8.06 19.67 12.23
C SER A 91 -9.36 20.44 12.50
N PHE A 92 -10.47 19.72 12.71
CA PHE A 92 -11.76 20.36 13.05
C PHE A 92 -11.88 20.56 14.56
N ARG A 93 -10.77 20.94 15.21
CA ARG A 93 -10.74 21.27 16.63
C ARG A 93 -9.53 22.18 16.96
N THR A 94 -9.54 22.84 18.14
CA THR A 94 -8.42 23.69 18.63
C THR A 94 -7.90 23.22 20.00
N SER A 95 -8.70 22.45 20.70
CA SER A 95 -8.41 21.84 22.00
C SER A 95 -9.30 20.60 22.11
N ASN A 96 -9.16 19.80 23.19
CA ASN A 96 -9.99 18.62 23.39
C ASN A 96 -11.47 19.01 23.56
N GLU A 97 -11.77 20.24 24.05
CA GLU A 97 -13.14 20.69 24.28
C GLU A 97 -13.69 21.59 23.16
N ASP A 98 -12.83 22.38 22.50
CA ASP A 98 -13.30 23.26 21.44
C ASP A 98 -13.22 22.59 20.10
N VAL A 99 -14.34 22.06 19.65
CA VAL A 99 -14.46 21.42 18.34
C VAL A 99 -15.29 22.30 17.40
N ALA A 100 -15.12 22.09 16.09
CA ALA A 100 -15.90 22.83 15.11
C ALA A 100 -17.17 22.06 14.77
N ASN A 101 -18.32 22.75 14.91
CA ASN A 101 -19.62 22.21 14.56
C ASN A 101 -20.14 22.97 13.31
N HIS A 102 -20.99 22.33 12.49
CA HIS A 102 -21.56 22.96 11.28
C HIS A 102 -20.54 23.66 10.39
N SER A 103 -19.31 23.16 10.35
CA SER A 103 -18.25 23.78 9.56
C SER A 103 -17.95 23.02 8.25
N ARG A 104 -17.07 23.56 7.38
CA ARG A 104 -16.80 22.94 6.09
C ARG A 104 -15.39 23.16 5.55
N VAL A 105 -14.76 22.13 5.00
CA VAL A 105 -13.48 22.28 4.32
C VAL A 105 -13.74 21.88 2.88
N THR A 106 -13.49 22.76 1.91
CA THR A 106 -13.78 22.47 0.50
C THR A 106 -12.78 23.13 -0.45
N ASN A 107 -12.63 22.59 -1.67
CA ASN A 107 -11.73 23.12 -2.71
C ASN A 107 -10.29 23.34 -2.20
N THR A 108 -9.90 22.59 -1.16
CA THR A 108 -8.59 22.64 -0.54
C THR A 108 -7.73 21.45 -0.99
N VAL A 109 -6.40 21.59 -0.93
CA VAL A 109 -5.49 20.53 -1.36
C VAL A 109 -4.43 20.20 -0.32
N ILE A 110 -4.06 18.92 -0.23
CA ILE A 110 -2.93 18.46 0.58
C ILE A 110 -2.09 17.57 -0.38
N ASP A 111 -0.88 18.04 -0.74
CA ASP A 111 0.02 17.33 -1.65
C ASP A 111 1.34 17.13 -0.94
N ASN A 112 1.67 15.89 -0.61
CA ASN A 112 2.91 15.56 0.06
C ASN A 112 3.16 16.33 1.37
N PHE A 113 2.24 16.24 2.34
CA PHE A 113 2.51 16.72 3.69
C PHE A 113 3.01 15.51 4.48
N SER A 114 3.99 14.82 3.92
CA SER A 114 4.54 13.61 4.50
C SER A 114 5.79 13.96 5.26
N THR A 115 5.94 13.42 6.47
CA THR A 115 7.18 13.61 7.21
C THR A 115 8.30 12.84 6.47
N ASP A 116 9.55 13.33 6.57
CA ASP A 116 10.71 12.72 5.92
C ASP A 116 10.96 11.28 6.36
N LEU A 117 10.66 10.97 7.62
CA LEU A 117 10.72 9.59 8.12
C LEU A 117 9.46 8.91 7.58
N ARG A 118 9.60 7.88 6.71
CA ARG A 118 8.41 7.17 6.20
C ARG A 118 7.65 6.43 7.32
N GLN A 119 8.32 6.18 8.46
CA GLN A 119 7.80 5.48 9.62
C GLN A 119 6.89 6.33 10.49
N MET A 120 6.98 7.68 10.38
CA MET A 120 6.11 8.52 11.21
C MET A 120 4.68 8.49 10.71
N SER A 121 3.75 8.58 11.65
CA SER A 121 2.35 8.58 11.28
C SER A 121 1.63 9.85 11.67
N ASP A 122 0.72 10.31 10.80
CA ASP A 122 -0.13 11.47 11.08
C ASP A 122 -1.40 11.49 10.20
N LEU A 123 -2.45 12.13 10.69
CA LEU A 123 -3.73 12.24 9.99
C LEU A 123 -3.71 13.50 9.19
N TRP A 124 -4.09 13.46 7.91
CA TRP A 124 -4.07 14.66 7.08
C TRP A 124 -5.33 15.54 7.31
N VAL A 125 -6.51 14.93 7.51
CA VAL A 125 -7.70 15.67 7.90
C VAL A 125 -8.30 14.92 9.09
N ALA A 126 -8.49 15.59 10.24
CA ALA A 126 -9.11 14.92 11.39
C ALA A 126 -10.39 15.61 11.75
N MET A 127 -11.53 14.95 11.52
CA MET A 127 -12.83 15.52 11.79
C MET A 127 -13.29 15.26 13.20
N TYR A 128 -13.81 16.31 13.85
CA TYR A 128 -14.31 16.32 15.22
C TYR A 128 -15.69 17.05 15.25
N GLY A 129 -16.37 17.07 16.39
CA GLY A 129 -17.65 17.74 16.56
C GLY A 129 -18.77 17.18 15.70
N LYS A 130 -19.90 17.91 15.59
CA LYS A 130 -21.02 17.44 14.78
C LYS A 130 -21.30 18.30 13.55
N HIS A 131 -21.97 17.70 12.55
CA HIS A 131 -22.47 18.26 11.29
C HIS A 131 -21.45 19.02 10.43
N ASN A 132 -20.24 18.51 10.28
CA ASN A 132 -19.25 19.15 9.41
C ASN A 132 -19.21 18.49 8.03
N ARG A 133 -18.72 19.24 7.02
CA ARG A 133 -18.66 18.74 5.67
C ARG A 133 -17.24 18.78 5.15
N LEU A 134 -16.83 17.73 4.44
CA LEU A 134 -15.50 17.66 3.87
C LEU A 134 -15.72 17.26 2.44
N ASP A 135 -15.62 18.20 1.51
CA ASP A 135 -15.94 17.91 0.11
C ASP A 135 -15.03 18.56 -0.92
N HIS A 136 -15.05 18.07 -2.16
CA HIS A 136 -14.29 18.62 -3.30
C HIS A 136 -12.84 19.00 -2.96
N ASN A 137 -12.10 18.08 -2.33
CA ASN A 137 -10.71 18.29 -1.96
C ASN A 137 -9.84 17.27 -2.63
N SER A 138 -8.60 17.62 -2.97
CA SER A 138 -7.66 16.66 -3.55
C SER A 138 -6.59 16.37 -2.51
N LEU A 139 -6.34 15.09 -2.20
CA LEU A 139 -5.34 14.68 -1.20
C LEU A 139 -4.43 13.69 -1.86
N VAL A 140 -3.21 14.12 -2.27
CA VAL A 140 -2.29 13.26 -3.02
C VAL A 140 -0.90 13.13 -2.42
N ASN A 141 -0.20 12.02 -2.77
CA ASN A 141 1.19 11.73 -2.38
C ASN A 141 1.44 11.63 -0.86
N LYS A 142 0.68 10.77 -0.14
CA LYS A 142 0.95 10.53 1.28
C LYS A 142 1.99 9.46 1.33
N ARG A 143 3.22 9.87 1.65
CA ARG A 143 4.38 9.02 1.68
C ARG A 143 4.78 8.55 3.05
N ASN A 144 4.08 8.96 4.10
CA ASN A 144 4.35 8.47 5.46
C ASN A 144 3.17 7.58 5.93
N ARG A 145 3.11 7.23 7.21
CA ARG A 145 2.05 6.41 7.79
C ARG A 145 0.89 7.28 8.31
N GLY A 146 -0.21 6.64 8.70
CA GLY A 146 -1.40 7.31 9.20
C GLY A 146 -2.54 7.32 8.19
N VAL A 147 -3.72 7.81 8.62
CA VAL A 147 -4.92 7.87 7.77
C VAL A 147 -5.00 9.18 7.02
N THR A 148 -5.35 9.14 5.73
CA THR A 148 -5.54 10.35 4.93
C THR A 148 -6.66 11.22 5.58
N VAL A 149 -7.87 10.66 5.79
CA VAL A 149 -8.96 11.38 6.46
C VAL A 149 -9.43 10.50 7.62
N ALA A 150 -9.60 11.04 8.83
CA ALA A 150 -10.12 10.26 9.96
C ALA A 150 -11.27 10.95 10.62
N VAL A 151 -12.23 10.18 11.14
CA VAL A 151 -13.36 10.74 11.87
C VAL A 151 -13.19 10.35 13.31
N ARG A 152 -12.84 11.32 14.16
CA ARG A 152 -12.59 11.06 15.57
C ARG A 152 -13.87 10.99 16.36
N MET A 153 -13.86 10.10 17.35
CA MET A 153 -14.96 9.80 18.22
C MET A 153 -14.53 9.78 19.71
N ASN A 154 -13.44 10.47 20.06
CA ASN A 154 -12.90 10.49 21.42
C ASN A 154 -13.79 11.10 22.53
N SER A 155 -14.88 11.81 22.18
CA SER A 155 -15.77 12.40 23.17
C SER A 155 -17.19 12.58 22.62
N GLU A 156 -18.21 12.64 23.50
CA GLU A 156 -19.61 12.80 23.09
C GLU A 156 -19.86 13.92 22.07
N ALA A 157 -19.03 14.97 22.09
CA ALA A 157 -19.15 16.10 21.17
C ALA A 157 -18.96 15.67 19.75
N SER A 158 -18.01 14.75 19.49
CA SER A 158 -17.68 14.27 18.15
C SER A 158 -18.51 13.08 17.68
N ARG A 159 -19.21 12.39 18.60
CA ARG A 159 -20.06 11.24 18.30
C ARG A 159 -21.38 11.67 17.67
N LYS A 160 -22.11 10.74 16.98
CA LYS A 160 -23.41 10.98 16.30
C LYS A 160 -23.33 12.28 15.50
N ASN A 161 -22.28 12.37 14.72
CA ASN A 161 -21.87 13.57 14.03
C ASN A 161 -22.57 13.89 12.76
N HIS A 162 -23.00 12.89 11.99
CA HIS A 162 -23.63 13.15 10.69
C HIS A 162 -22.73 13.95 9.75
N HIS A 163 -21.42 13.67 9.80
CA HIS A 163 -20.48 14.33 8.89
C HIS A 163 -20.71 13.80 7.48
N ILE A 164 -20.29 14.55 6.47
CA ILE A 164 -20.41 14.12 5.08
C ILE A 164 -19.08 14.31 4.45
N ILE A 165 -18.50 13.22 3.96
CA ILE A 165 -17.22 13.23 3.27
C ILE A 165 -17.63 12.90 1.86
N GLU A 166 -17.75 13.94 1.05
CA GLU A 166 -18.29 13.91 -0.30
C GLU A 166 -17.29 14.37 -1.35
N TYR A 167 -17.46 13.93 -2.60
CA TYR A 167 -16.72 14.35 -3.79
C TYR A 167 -15.21 14.62 -3.62
N ASN A 168 -14.54 13.84 -2.77
CA ASN A 168 -13.11 14.04 -2.57
C ASN A 168 -12.31 13.17 -3.49
N TYR A 169 -11.10 13.60 -3.85
CA TYR A 169 -10.23 12.81 -4.69
C TYR A 169 -9.06 12.27 -3.87
N PHE A 170 -8.98 10.95 -3.74
CA PHE A 170 -7.88 10.33 -3.03
C PHE A 170 -6.90 9.78 -4.05
N GLY A 171 -5.83 10.54 -4.28
CA GLY A 171 -4.77 10.19 -5.22
C GLY A 171 -3.92 9.00 -4.79
N PRO A 172 -3.19 8.43 -5.75
CA PRO A 172 -2.39 7.23 -5.44
C PRO A 172 -1.58 7.28 -4.16
N ARG A 173 -1.56 6.14 -3.45
CA ARG A 173 -0.81 6.00 -2.23
C ARG A 173 0.01 4.75 -2.34
N GLN A 174 1.32 4.91 -2.43
CA GLN A 174 2.27 3.80 -2.52
C GLN A 174 2.11 2.83 -1.32
N ILE A 175 2.58 1.61 -1.50
CA ILE A 175 2.50 0.58 -0.50
C ILE A 175 3.38 0.96 0.69
N LEU A 176 2.81 0.87 1.89
CA LEU A 176 3.54 1.17 3.11
C LEU A 176 4.62 0.13 3.38
N GLY A 177 4.26 -1.14 3.21
CA GLY A 177 5.11 -2.24 3.61
C GLY A 177 5.13 -2.35 5.11
N ALA A 178 3.96 -2.10 5.74
CA ALA A 178 3.71 -2.06 7.18
C ALA A 178 2.23 -1.73 7.38
N ASN A 179 1.69 -1.99 8.58
CA ASN A 179 0.32 -1.60 8.89
C ASN A 179 0.24 -0.04 9.00
N GLY A 180 -0.97 0.50 8.86
CA GLY A 180 -1.28 1.91 9.09
C GLY A 180 -1.35 2.81 7.88
N GLY A 181 -1.96 2.34 6.81
CA GLY A 181 -2.05 3.10 5.58
C GLY A 181 -3.44 3.26 5.01
N GLU A 182 -4.46 3.25 5.89
CA GLU A 182 -5.85 3.44 5.42
C GLU A 182 -6.05 4.84 4.84
N THR A 183 -6.96 4.96 3.89
CA THR A 183 -7.24 6.23 3.25
C THR A 183 -8.31 6.96 4.05
N LEU A 184 -9.35 6.23 4.50
CA LEU A 184 -10.41 6.77 5.34
C LEU A 184 -10.60 5.82 6.53
N ARG A 185 -10.69 6.35 7.76
CA ARG A 185 -10.97 5.59 8.99
C ARG A 185 -12.05 6.33 9.75
N ILE A 186 -13.16 5.66 10.07
CA ILE A 186 -14.23 6.30 10.82
C ILE A 186 -14.26 5.73 12.23
N GLY A 187 -13.68 6.44 13.17
CA GLY A 187 -13.64 6.03 14.56
C GLY A 187 -12.46 5.14 14.87
N THR A 188 -12.33 4.76 16.13
CA THR A 188 -11.29 3.82 16.57
C THR A 188 -11.99 2.68 17.35
N SER A 189 -11.24 1.66 17.78
CA SER A 189 -11.75 0.50 18.50
C SER A 189 -12.23 0.84 19.92
N HIS A 190 -11.60 1.84 20.55
CA HIS A 190 -11.95 2.22 21.91
C HIS A 190 -13.38 2.78 22.03
N PHE A 191 -13.93 3.33 20.92
CA PHE A 191 -15.27 3.91 20.88
C PHE A 191 -16.05 3.32 19.67
N SER A 192 -15.89 2.00 19.43
CA SER A 192 -16.49 1.31 18.29
C SER A 192 -17.99 1.09 18.38
N ARG A 193 -18.48 0.87 19.59
CA ARG A 193 -19.89 0.63 19.82
C ARG A 193 -20.76 1.90 19.61
N GLU A 194 -20.15 3.10 19.74
CA GLU A 194 -20.89 4.36 19.55
C GLU A 194 -21.20 4.62 18.09
N TYR A 195 -22.34 5.28 17.83
CA TYR A 195 -22.75 5.60 16.47
C TYR A 195 -22.11 6.86 16.06
N SER A 196 -21.49 6.85 14.90
CA SER A 196 -20.87 8.03 14.31
C SER A 196 -21.86 8.68 13.32
N ASN A 197 -22.63 7.86 12.58
CA ASN A 197 -23.63 8.30 11.62
C ASN A 197 -23.01 9.11 10.49
N THR A 198 -21.79 8.81 10.09
CA THR A 198 -21.10 9.54 9.02
C THR A 198 -21.51 9.05 7.63
N THR A 199 -21.46 9.92 6.61
CA THR A 199 -21.74 9.49 5.24
C THR A 199 -20.55 9.76 4.34
N ALA A 200 -19.96 8.70 3.76
CA ALA A 200 -18.85 8.88 2.84
C ALA A 200 -19.32 8.50 1.46
N GLN A 201 -19.70 9.49 0.67
CA GLN A 201 -20.26 9.25 -0.65
C GLN A 201 -19.58 10.05 -1.75
N TYR A 202 -19.71 9.57 -3.00
CA TYR A 202 -19.23 10.22 -4.21
C TYR A 202 -17.75 10.54 -4.21
N ASN A 203 -16.95 9.71 -3.52
CA ASN A 203 -15.50 9.87 -3.46
C ASN A 203 -14.83 8.96 -4.45
N TYR A 204 -13.65 9.35 -4.92
CA TYR A 204 -12.91 8.55 -5.88
C TYR A 204 -11.61 8.15 -5.23
N PHE A 205 -11.36 6.84 -5.16
CA PHE A 205 -10.17 6.25 -4.57
C PHE A 205 -9.34 5.73 -5.73
N ASP A 206 -8.29 6.47 -6.10
CA ASP A 206 -7.45 6.15 -7.24
C ASP A 206 -6.12 5.57 -6.83
N ARG A 207 -5.99 4.23 -6.92
CA ARG A 207 -4.77 3.50 -6.61
C ARG A 207 -4.24 3.77 -5.22
N THR A 208 -5.15 3.89 -4.27
CA THR A 208 -4.81 4.06 -2.86
C THR A 208 -4.41 2.66 -2.37
N ASN A 209 -3.11 2.32 -2.44
CA ASN A 209 -2.62 0.97 -2.14
C ASN A 209 -1.78 0.86 -0.85
N GLY A 210 -2.05 1.70 0.14
CA GLY A 210 -1.31 1.67 1.40
C GLY A 210 -1.17 0.30 2.03
N GLU A 211 -2.30 -0.27 2.45
CA GLU A 211 -2.38 -1.58 3.11
C GLU A 211 -3.72 -2.30 2.68
N HIS A 212 -4.11 -3.43 3.32
CA HIS A 212 -5.32 -4.16 2.93
C HIS A 212 -6.64 -3.50 3.33
N GLU A 213 -6.59 -2.26 3.85
CA GLU A 213 -7.78 -1.51 4.19
C GLU A 213 -7.70 -0.13 3.57
N ILE A 214 -8.58 0.15 2.61
CA ILE A 214 -8.71 1.45 1.97
C ILE A 214 -9.62 2.27 2.93
N ILE A 215 -10.77 1.67 3.34
CA ILE A 215 -11.64 2.27 4.32
C ILE A 215 -11.68 1.34 5.53
N SER A 216 -11.39 1.84 6.72
CA SER A 216 -11.51 1.06 7.95
C SER A 216 -12.68 1.65 8.76
N ASN A 217 -13.86 1.02 8.72
CA ASN A 217 -15.05 1.51 9.44
C ASN A 217 -14.96 1.01 10.84
N LYS A 218 -14.95 1.90 11.84
CA LYS A 218 -14.76 1.50 13.23
C LYS A 218 -15.77 2.08 14.20
N SER A 219 -16.99 2.28 13.72
CA SER A 219 -18.10 2.78 14.51
C SER A 219 -19.42 2.35 13.88
N SER A 220 -20.54 2.47 14.62
CA SER A 220 -21.88 2.09 14.14
C SER A 220 -22.62 3.22 13.37
N GLY A 221 -23.66 2.83 12.61
CA GLY A 221 -24.55 3.74 11.90
C GLY A 221 -24.04 4.54 10.72
N ASN A 222 -22.86 4.19 10.14
CA ASN A 222 -22.30 4.95 9.03
C ASN A 222 -22.73 4.42 7.67
N SER A 223 -22.66 5.27 6.64
CA SER A 223 -23.03 4.86 5.29
C SER A 223 -21.92 5.15 4.31
N LEU A 224 -21.31 4.10 3.81
CA LEU A 224 -20.20 4.18 2.87
C LEU A 224 -20.82 3.76 1.58
N ILE A 225 -21.41 4.77 0.88
CA ILE A 225 -22.16 4.58 -0.35
C ILE A 225 -21.65 5.39 -1.53
N LYS A 226 -21.99 4.96 -2.75
CA LYS A 226 -21.70 5.61 -4.01
C LYS A 226 -20.24 6.06 -4.18
N ASN A 227 -19.27 5.16 -3.93
CA ASN A 227 -17.85 5.48 -4.10
C ASN A 227 -17.23 4.70 -5.22
N VAL A 228 -16.17 5.24 -5.81
CA VAL A 228 -15.46 4.54 -6.86
C VAL A 228 -14.10 4.11 -6.33
N PHE A 229 -13.71 2.87 -6.62
CA PHE A 229 -12.45 2.30 -6.19
C PHE A 229 -11.68 1.82 -7.40
N PHE A 230 -10.97 2.75 -8.05
CA PHE A 230 -10.17 2.48 -9.24
C PHE A 230 -8.83 1.84 -8.89
N GLU A 231 -8.66 0.55 -9.22
CA GLU A 231 -7.44 -0.27 -9.06
C GLU A 231 -6.83 -0.23 -7.67
N THR A 232 -7.64 0.02 -6.65
CA THR A 232 -7.15 0.10 -5.28
C THR A 232 -6.84 -1.28 -4.72
N GLN A 233 -5.73 -1.42 -3.95
CA GLN A 233 -5.36 -2.66 -3.28
C GLN A 233 -5.96 -2.61 -1.88
N GLY A 234 -6.43 -3.74 -1.40
CA GLY A 234 -7.09 -3.80 -0.10
C GLY A 234 -8.60 -3.76 -0.26
N THR A 235 -9.31 -3.54 0.86
CA THR A 235 -10.78 -3.60 0.90
C THR A 235 -11.45 -2.43 1.66
N LEU A 236 -12.80 -2.37 1.57
CA LEU A 236 -13.67 -1.53 2.35
C LEU A 236 -14.03 -2.49 3.45
N THR A 237 -13.51 -2.35 4.70
CA THR A 237 -13.88 -3.33 5.74
C THR A 237 -14.74 -2.71 6.86
N MET A 238 -15.73 -3.48 7.31
CA MET A 238 -16.59 -3.09 8.41
C MET A 238 -15.78 -3.57 9.61
N ARG A 239 -14.66 -2.88 9.90
CA ARG A 239 -13.69 -3.32 10.90
C ARG A 239 -14.27 -3.47 12.30
N HIS A 240 -14.89 -2.42 12.82
CA HIS A 240 -15.56 -2.42 14.13
C HIS A 240 -16.88 -1.63 13.98
N GLY A 241 -17.87 -1.93 14.81
CA GLY A 241 -19.14 -1.23 14.74
C GLY A 241 -20.22 -2.00 14.01
N HIS A 242 -21.48 -1.58 14.17
CA HIS A 242 -22.66 -2.24 13.60
C HIS A 242 -23.46 -1.30 12.70
N PHE A 243 -24.57 -1.79 12.13
CA PHE A 243 -25.51 -1.01 11.30
C PHE A 243 -24.85 -0.15 10.22
N THR A 244 -23.97 -0.77 9.39
CA THR A 244 -23.31 -0.05 8.32
C THR A 244 -24.05 -0.28 7.02
N LYS A 245 -24.17 0.76 6.19
CA LYS A 245 -24.82 0.61 4.90
C LYS A 245 -23.77 0.83 3.82
N VAL A 246 -23.40 -0.26 3.09
CA VAL A 246 -22.39 -0.24 2.03
C VAL A 246 -23.03 -0.59 0.67
N GLU A 247 -23.41 0.45 -0.08
CA GLU A 247 -24.07 0.24 -1.35
C GLU A 247 -23.78 1.26 -2.41
N GLY A 248 -23.92 0.85 -3.66
CA GLY A 248 -23.72 1.72 -4.82
C GLY A 248 -22.27 1.97 -5.17
N ASN A 249 -21.34 1.21 -4.51
CA ASN A 249 -19.90 1.32 -4.66
C ASN A 249 -19.34 0.48 -5.81
N TYR A 250 -18.61 1.13 -6.73
CA TYR A 250 -18.02 0.48 -7.89
C TYR A 250 -16.53 0.24 -7.62
N PHE A 251 -16.05 -1.02 -7.76
CA PHE A 251 -14.67 -1.39 -7.51
C PHE A 251 -14.01 -1.92 -8.79
N LEU A 252 -13.32 -1.03 -9.52
CA LEU A 252 -12.66 -1.34 -10.78
C LEU A 252 -11.24 -1.91 -10.61
N GLY A 253 -11.12 -3.19 -10.31
CA GLY A 253 -9.83 -3.83 -10.13
C GLY A 253 -8.99 -3.92 -11.38
N ASN A 254 -9.62 -4.01 -12.57
CA ASN A 254 -8.95 -4.14 -13.86
C ASN A 254 -7.88 -5.25 -13.86
N ARG A 255 -8.16 -6.35 -13.13
CA ARG A 255 -7.27 -7.51 -13.00
C ARG A 255 -5.88 -7.18 -12.39
N LYS A 256 -5.76 -5.99 -11.75
CA LYS A 256 -4.54 -5.57 -11.06
C LYS A 256 -4.34 -6.41 -9.81
N PRO A 257 -3.09 -6.65 -9.40
CA PRO A 257 -2.87 -7.51 -8.23
C PRO A 257 -3.32 -6.94 -6.89
N ASN A 258 -3.82 -7.85 -6.02
CA ASN A 258 -4.26 -7.59 -4.66
C ASN A 258 -5.43 -6.62 -4.52
N THR A 259 -6.29 -6.53 -5.54
CA THR A 259 -7.49 -5.68 -5.50
C THR A 259 -8.62 -6.44 -4.75
N GLY A 260 -9.20 -5.82 -3.72
CA GLY A 260 -10.26 -6.46 -2.94
C GLY A 260 -11.59 -5.77 -3.02
N GLY A 261 -12.61 -6.35 -2.41
CA GLY A 261 -13.96 -5.80 -2.41
C GLY A 261 -14.50 -5.32 -1.07
N ILE A 262 -15.45 -6.06 -0.47
CA ILE A 262 -16.03 -5.66 0.80
C ILE A 262 -15.89 -6.72 1.89
N ARG A 263 -15.45 -6.34 3.10
CA ARG A 263 -15.30 -7.31 4.20
C ARG A 263 -16.30 -7.06 5.38
N ILE A 264 -17.34 -7.92 5.49
CA ILE A 264 -18.32 -7.85 6.58
C ILE A 264 -17.75 -8.53 7.79
N ILE A 265 -17.74 -7.80 8.91
CA ILE A 265 -17.42 -8.26 10.25
C ILE A 265 -18.49 -7.63 11.14
N ASN A 266 -18.71 -8.18 12.35
CA ASN A 266 -19.64 -7.65 13.37
C ASN A 266 -21.14 -7.76 12.94
N GLU A 267 -22.06 -7.02 13.61
CA GLU A 267 -23.51 -7.15 13.44
C GLU A 267 -24.24 -6.13 12.57
N SER A 268 -25.43 -6.53 12.08
CA SER A 268 -26.41 -5.73 11.38
C SER A 268 -25.89 -4.90 10.21
N GLN A 269 -25.03 -5.50 9.40
CA GLN A 269 -24.45 -4.81 8.26
C GLN A 269 -25.27 -5.06 7.00
N THR A 270 -25.28 -4.09 6.07
CA THR A 270 -25.96 -4.26 4.80
C THR A 270 -25.04 -3.86 3.68
N VAL A 271 -24.57 -4.85 2.93
CA VAL A 271 -23.69 -4.68 1.79
C VAL A 271 -24.52 -5.07 0.58
N SER A 272 -25.11 -4.07 -0.09
CA SER A 272 -25.97 -4.34 -1.22
C SER A 272 -25.83 -3.41 -2.40
N ASN A 273 -26.01 -3.92 -3.61
CA ASN A 273 -26.01 -3.12 -4.84
C ASN A 273 -24.67 -2.49 -5.16
N ASN A 274 -23.62 -3.27 -5.01
CA ASN A 274 -22.28 -2.85 -5.33
C ASN A 274 -21.83 -3.54 -6.62
N TYR A 275 -20.93 -2.89 -7.37
CA TYR A 275 -20.40 -3.48 -8.59
C TYR A 275 -18.93 -3.77 -8.37
N MET A 276 -18.47 -4.93 -8.82
CA MET A 276 -17.08 -5.31 -8.66
C MET A 276 -16.47 -5.96 -9.90
N TYR A 277 -15.47 -5.28 -10.54
CA TYR A 277 -14.79 -5.87 -11.70
C TYR A 277 -13.34 -6.29 -11.41
N GLY A 278 -12.97 -7.48 -11.87
CA GLY A 278 -11.62 -8.02 -11.84
C GLY A 278 -10.84 -7.95 -10.57
N LEU A 279 -11.47 -8.22 -9.43
CA LEU A 279 -10.79 -8.18 -8.15
C LEU A 279 -10.02 -9.47 -7.93
N THR A 280 -8.71 -9.36 -7.74
CA THR A 280 -7.85 -10.54 -7.58
C THR A 280 -7.49 -10.92 -6.14
N GLY A 281 -8.02 -10.19 -5.17
CA GLY A 281 -7.74 -10.42 -3.75
C GLY A 281 -8.29 -11.72 -3.19
N LYS A 282 -7.60 -12.26 -2.17
CA LYS A 282 -7.97 -13.51 -1.51
C LYS A 282 -8.00 -13.40 0.04
N ARG A 283 -8.59 -14.42 0.71
CA ARG A 283 -8.70 -14.52 2.17
C ARG A 283 -9.52 -13.29 2.74
N LEU A 284 -8.91 -12.46 3.62
CA LEU A 284 -9.56 -11.26 4.14
C LEU A 284 -9.64 -10.15 3.10
N ARG A 285 -9.04 -10.34 1.91
CA ARG A 285 -9.06 -9.33 0.86
C ARG A 285 -9.80 -9.79 -0.38
N GLY A 286 -10.71 -10.76 -0.24
CA GLY A 286 -11.53 -11.24 -1.34
C GLY A 286 -12.43 -10.16 -1.90
N ALA A 287 -13.05 -10.41 -3.03
CA ALA A 287 -14.01 -9.47 -3.63
C ALA A 287 -15.27 -9.29 -2.75
N LEU A 288 -15.63 -10.34 -1.98
CA LEU A 288 -16.74 -10.34 -1.04
C LEU A 288 -16.34 -11.25 0.10
N VAL A 289 -16.30 -10.73 1.36
CA VAL A 289 -15.82 -11.47 2.53
C VAL A 289 -16.80 -11.37 3.67
N ILE A 290 -17.09 -12.48 4.33
CA ILE A 290 -17.93 -12.47 5.51
C ILE A 290 -17.12 -13.23 6.52
N MET A 291 -16.46 -12.51 7.41
CA MET A 291 -15.56 -13.10 8.39
C MET A 291 -16.18 -13.97 9.48
N ASN A 292 -15.34 -14.77 10.12
CA ASN A 292 -15.63 -15.54 11.30
C ASN A 292 -15.13 -14.64 12.46
N GLY A 293 -15.88 -14.58 13.54
CA GLY A 293 -15.53 -13.71 14.65
C GLY A 293 -15.11 -14.39 15.92
N VAL A 294 -14.70 -13.60 16.88
CA VAL A 294 -14.27 -14.05 18.20
C VAL A 294 -15.52 -13.92 19.09
N PRO A 295 -16.06 -15.02 19.65
CA PRO A 295 -17.27 -14.89 20.49
C PRO A 295 -16.96 -14.12 21.78
N ASN A 296 -17.84 -13.14 22.17
CA ASN A 296 -17.64 -12.24 23.33
C ASN A 296 -16.31 -11.51 23.18
N SER A 297 -16.15 -10.93 22.01
CA SER A 297 -14.92 -10.31 21.55
C SER A 297 -14.42 -9.08 22.30
N PRO A 298 -13.08 -9.01 22.51
CA PRO A 298 -12.47 -7.75 22.96
C PRO A 298 -12.60 -6.73 21.82
N PRO A 299 -12.80 -5.44 22.16
CA PRO A 299 -13.03 -4.43 21.12
C PRO A 299 -12.02 -4.37 19.98
N ASN A 300 -10.72 -4.66 20.21
CA ASN A 300 -9.75 -4.62 19.12
C ASN A 300 -9.71 -5.92 18.25
N ARG A 301 -10.60 -6.90 18.51
CA ARG A 301 -10.58 -8.13 17.73
C ARG A 301 -11.76 -8.20 16.68
N TYR A 302 -12.65 -9.19 16.74
CA TYR A 302 -13.65 -9.38 15.68
C TYR A 302 -14.92 -9.83 16.29
N ASP A 303 -16.05 -9.18 16.02
CA ASP A 303 -17.33 -9.60 16.57
C ASP A 303 -17.98 -10.54 15.58
N PRO A 304 -18.60 -11.62 16.04
CA PRO A 304 -19.23 -12.58 15.11
C PRO A 304 -20.37 -11.97 14.30
N VAL A 305 -20.40 -12.25 12.99
CA VAL A 305 -21.40 -11.76 12.05
C VAL A 305 -22.80 -12.24 12.37
N ILE A 306 -23.73 -11.29 12.52
CA ILE A 306 -25.13 -11.54 12.83
C ILE A 306 -26.00 -10.54 12.07
N ASP A 307 -27.26 -10.91 11.73
CA ASP A 307 -28.25 -10.02 11.11
C ASP A 307 -27.75 -9.21 9.89
N SER A 308 -26.96 -9.83 9.01
CA SER A 308 -26.36 -9.11 7.89
C SER A 308 -26.86 -9.55 6.50
N ALA A 309 -26.89 -8.64 5.55
CA ALA A 309 -27.34 -8.94 4.20
C ALA A 309 -26.29 -8.52 3.18
N MET A 310 -25.79 -9.47 2.38
CA MET A 310 -24.84 -9.23 1.29
C MET A 310 -25.64 -9.57 0.04
N ASN A 311 -26.40 -8.59 -0.50
CA ASN A 311 -27.32 -8.88 -1.60
C ASN A 311 -27.20 -7.98 -2.80
N ASN A 312 -27.62 -8.48 -3.97
CA ASN A 312 -27.70 -7.72 -5.21
C ASN A 312 -26.37 -7.13 -5.63
N ASN A 313 -25.31 -7.92 -5.46
CA ASN A 313 -23.97 -7.47 -5.83
C ASN A 313 -23.53 -8.09 -7.12
N ILE A 314 -22.88 -7.30 -7.97
CA ILE A 314 -22.40 -7.77 -9.25
C ILE A 314 -20.90 -8.04 -9.11
N VAL A 315 -20.45 -9.24 -9.45
CA VAL A 315 -19.05 -9.63 -9.33
C VAL A 315 -18.58 -10.19 -10.68
N ILE A 316 -17.98 -9.35 -11.52
CA ILE A 316 -17.51 -9.78 -12.84
C ILE A 316 -15.98 -9.92 -12.92
N ASP A 317 -15.50 -11.11 -13.28
CA ASP A 317 -14.08 -11.46 -13.47
C ASP A 317 -13.26 -11.33 -12.21
N SER A 318 -13.83 -11.72 -11.07
CA SER A 318 -13.13 -11.67 -9.80
C SER A 318 -12.89 -13.08 -9.26
N ASP A 319 -11.91 -13.27 -8.36
CA ASP A 319 -11.50 -14.62 -7.97
C ASP A 319 -11.95 -15.18 -6.63
N HIS A 320 -12.32 -14.34 -5.63
CA HIS A 320 -12.64 -14.91 -4.34
C HIS A 320 -13.81 -14.30 -3.58
N ILE A 321 -14.66 -15.20 -3.05
CA ILE A 321 -15.82 -14.93 -2.18
C ILE A 321 -15.55 -15.76 -0.96
N GLU A 322 -15.14 -15.12 0.13
CA GLU A 322 -14.68 -15.83 1.32
C GLU A 322 -15.68 -15.85 2.46
N LEU A 323 -16.24 -17.02 2.71
CA LEU A 323 -17.27 -17.23 3.69
C LEU A 323 -16.69 -17.92 4.90
N GLY A 324 -16.67 -17.20 6.01
CA GLY A 324 -16.06 -17.66 7.25
C GLY A 324 -14.58 -17.33 7.31
N ALA A 325 -14.13 -16.37 6.51
CA ALA A 325 -12.73 -15.96 6.44
C ALA A 325 -12.14 -15.62 7.79
N GLY A 326 -10.94 -16.12 8.03
CA GLY A 326 -10.22 -15.92 9.28
C GLY A 326 -10.50 -16.96 10.34
N ALA A 327 -11.42 -17.91 10.09
CA ALA A 327 -11.72 -18.96 11.07
C ALA A 327 -10.48 -19.72 11.56
N ASP A 328 -10.33 -19.77 12.89
CA ASP A 328 -9.27 -20.46 13.61
C ASP A 328 -9.74 -20.71 15.06
N ALA A 329 -8.82 -21.00 15.99
CA ALA A 329 -9.19 -21.24 17.38
C ALA A 329 -9.79 -19.95 17.98
N GLU A 330 -9.17 -18.80 17.65
CA GLU A 330 -9.52 -17.43 18.04
C GLU A 330 -10.89 -17.05 17.45
N ARG A 331 -11.00 -17.01 16.11
CA ARG A 331 -12.24 -16.70 15.42
C ARG A 331 -13.04 -17.97 15.12
N SER A 332 -13.70 -18.52 16.14
CA SER A 332 -14.46 -19.76 16.02
C SER A 332 -15.93 -19.60 15.67
N ALA A 333 -16.44 -18.37 15.70
CA ALA A 333 -17.86 -18.13 15.46
C ALA A 333 -18.16 -17.77 14.01
N ALA A 334 -18.98 -18.60 13.37
CA ALA A 334 -19.37 -18.42 11.98
C ALA A 334 -20.58 -17.50 11.86
N PRO A 335 -20.75 -16.81 10.71
CA PRO A 335 -21.92 -15.94 10.52
C PRO A 335 -23.27 -16.61 10.81
N SER A 336 -24.23 -15.83 11.32
CA SER A 336 -25.58 -16.32 11.66
C SER A 336 -26.67 -15.28 11.37
N THR A 337 -27.94 -15.68 11.31
CA THR A 337 -29.10 -14.82 11.04
C THR A 337 -28.87 -13.82 9.92
N SER A 338 -28.06 -14.22 8.94
CA SER A 338 -27.64 -13.42 7.83
C SER A 338 -28.12 -13.99 6.47
N GLU A 339 -27.84 -13.29 5.37
CA GLU A 339 -28.28 -13.72 4.05
C GLU A 339 -27.36 -13.25 2.93
N PHE A 340 -27.36 -13.98 1.83
CA PHE A 340 -26.57 -13.71 0.63
C PHE A 340 -27.54 -13.95 -0.53
N LYS A 341 -28.22 -12.88 -1.00
CA LYS A 341 -29.28 -13.06 -1.99
C LYS A 341 -29.24 -12.22 -3.27
N GLY A 342 -29.55 -12.85 -4.39
CA GLY A 342 -29.68 -12.16 -5.66
C GLY A 342 -28.40 -11.56 -6.19
N ASN A 343 -27.30 -12.27 -6.02
CA ASN A 343 -26.00 -11.80 -6.47
C ASN A 343 -25.70 -12.35 -7.87
N ILE A 344 -25.00 -11.57 -8.69
CA ILE A 344 -24.63 -12.01 -10.03
C ILE A 344 -23.10 -12.16 -10.13
N ILE A 345 -22.60 -13.39 -10.02
CA ILE A 345 -21.17 -13.67 -10.06
C ILE A 345 -20.82 -14.28 -11.42
N LEU A 346 -20.14 -13.50 -12.29
CA LEU A 346 -19.81 -13.91 -13.66
C LEU A 346 -18.34 -13.74 -13.95
N GLY A 347 -17.58 -14.82 -13.93
CA GLY A 347 -16.16 -14.77 -14.19
C GLY A 347 -15.54 -16.13 -14.39
N LYS A 348 -14.58 -16.23 -15.33
CA LYS A 348 -13.91 -17.50 -15.59
C LYS A 348 -12.48 -17.59 -15.05
N SER A 349 -11.99 -16.55 -14.35
CA SER A 349 -10.61 -16.53 -13.80
C SER A 349 -10.43 -17.58 -12.69
N ASN A 350 -11.47 -17.81 -11.86
CA ASN A 350 -11.47 -18.87 -10.83
C ASN A 350 -12.83 -19.56 -10.90
N LEU A 351 -12.81 -20.85 -11.22
CA LEU A 351 -14.03 -21.63 -11.38
C LEU A 351 -14.52 -22.31 -10.09
N GLU A 352 -13.92 -21.98 -8.95
CA GLU A 352 -14.35 -22.38 -7.61
C GLU A 352 -14.07 -21.15 -6.74
N PRO A 353 -14.79 -20.03 -6.97
CA PRO A 353 -14.48 -18.80 -6.24
C PRO A 353 -14.76 -18.85 -4.75
N PHE A 354 -15.74 -19.67 -4.38
CA PHE A 354 -16.15 -19.81 -3.01
C PHE A 354 -15.17 -20.59 -2.20
N THR A 355 -14.72 -20.00 -1.10
CA THR A 355 -13.88 -20.71 -0.14
C THR A 355 -14.59 -20.63 1.22
N LEU A 356 -15.11 -21.76 1.69
CA LEU A 356 -15.87 -21.87 2.93
C LEU A 356 -15.02 -22.44 4.01
N TYR A 357 -14.63 -21.61 4.96
CA TYR A 357 -13.72 -22.03 6.04
C TYR A 357 -14.39 -22.64 7.26
N ASP A 358 -15.71 -22.67 7.26
CA ASP A 358 -16.52 -23.14 8.36
C ASP A 358 -17.93 -23.37 7.77
N ASP A 359 -18.81 -23.96 8.58
CA ASP A 359 -20.21 -24.24 8.29
C ASP A 359 -20.95 -22.92 8.02
N MET A 360 -21.79 -22.86 6.96
CA MET A 360 -22.49 -21.63 6.62
C MET A 360 -24.00 -21.77 6.59
N SER A 361 -24.55 -22.54 7.54
CA SER A 361 -26.01 -22.70 7.71
C SER A 361 -26.65 -21.38 8.18
N GLY A 362 -25.88 -20.57 8.94
CA GLY A 362 -26.31 -19.26 9.43
C GLY A 362 -26.67 -18.30 8.32
N ILE A 363 -26.16 -18.55 7.10
CA ILE A 363 -26.47 -17.71 5.94
C ILE A 363 -27.56 -18.30 5.07
N ASN A 364 -28.49 -17.46 4.65
CA ASN A 364 -29.60 -17.82 3.79
C ASN A 364 -29.24 -17.42 2.36
N PHE A 365 -28.82 -18.41 1.56
CA PHE A 365 -28.49 -18.17 0.16
C PHE A 365 -29.75 -18.35 -0.67
N GLU A 366 -30.02 -17.45 -1.62
CA GLU A 366 -31.24 -17.53 -2.42
C GLU A 366 -31.27 -16.52 -3.57
N GLY A 367 -31.52 -16.98 -4.78
CA GLY A 367 -31.63 -16.10 -5.93
C GLY A 367 -30.33 -15.71 -6.60
N ASN A 368 -29.21 -16.34 -6.22
CA ASN A 368 -27.90 -16.01 -6.78
C ASN A 368 -27.62 -16.68 -8.12
N TYR A 369 -26.67 -16.11 -8.88
CA TYR A 369 -26.23 -16.55 -10.20
C TYR A 369 -24.72 -16.75 -10.30
N LEU A 370 -24.33 -17.82 -10.97
CA LEU A 370 -22.93 -18.17 -11.17
C LEU A 370 -22.79 -18.81 -12.54
N ASN A 371 -21.89 -18.26 -13.39
CA ASN A 371 -21.66 -18.74 -14.76
C ASN A 371 -21.52 -20.27 -14.85
N ASP A 372 -22.11 -20.88 -15.90
CA ASP A 372 -22.15 -22.33 -16.10
C ASP A 372 -20.82 -23.03 -15.87
N GLU A 373 -19.72 -22.35 -16.23
CA GLU A 373 -18.36 -22.84 -16.12
C GLU A 373 -17.89 -23.01 -14.68
N ALA A 374 -18.29 -22.09 -13.77
CA ALA A 374 -17.88 -22.15 -12.36
C ALA A 374 -18.82 -22.93 -11.42
N SER A 375 -18.22 -23.58 -10.41
CA SER A 375 -18.92 -24.36 -9.40
C SER A 375 -18.90 -23.73 -7.98
N THR A 376 -19.89 -24.11 -7.18
CA THR A 376 -20.02 -23.65 -5.80
C THR A 376 -20.33 -24.84 -4.91
N PRO A 377 -19.68 -24.94 -3.74
CA PRO A 377 -20.00 -26.04 -2.83
C PRO A 377 -21.36 -25.88 -2.13
N ILE A 378 -22.01 -24.71 -2.29
CA ILE A 378 -23.29 -24.38 -1.71
C ILE A 378 -24.39 -25.04 -2.55
N LYS A 379 -24.96 -26.14 -2.01
CA LYS A 379 -25.99 -26.94 -2.67
C LYS A 379 -27.23 -26.15 -3.10
N THR A 380 -27.82 -25.30 -2.23
CA THR A 380 -29.03 -24.54 -2.60
C THR A 380 -28.80 -23.02 -2.66
N GLY A 381 -29.69 -22.30 -3.33
CA GLY A 381 -29.61 -20.84 -3.44
C GLY A 381 -28.96 -20.31 -4.70
N PHE A 382 -28.24 -21.17 -5.41
CA PHE A 382 -27.55 -20.77 -6.62
C PHE A 382 -28.17 -21.35 -7.89
N ALA A 383 -28.27 -20.53 -8.92
CA ALA A 383 -28.79 -20.90 -10.22
C ALA A 383 -27.70 -20.76 -11.30
N SER A 384 -27.70 -21.65 -12.31
CA SER A 384 -26.71 -21.57 -13.40
C SER A 384 -27.08 -20.45 -14.40
N THR A 385 -26.08 -19.80 -15.02
CA THR A 385 -26.33 -18.71 -15.95
C THR A 385 -25.25 -18.63 -17.05
N PRO A 386 -25.60 -18.25 -18.29
CA PRO A 386 -24.57 -18.12 -19.33
C PRO A 386 -23.60 -16.97 -19.00
N TYR A 387 -22.30 -17.17 -19.27
CA TYR A 387 -21.31 -16.12 -19.00
C TYR A 387 -21.38 -15.03 -20.07
N SER A 388 -22.38 -14.15 -19.98
CA SER A 388 -22.54 -13.07 -20.95
C SER A 388 -22.36 -11.71 -20.30
N VAL A 389 -21.19 -11.12 -20.53
CA VAL A 389 -20.77 -9.83 -20.00
C VAL A 389 -20.32 -8.93 -21.14
N THR A 390 -21.19 -7.98 -21.53
CA THR A 390 -20.90 -7.11 -22.65
C THR A 390 -20.60 -5.67 -22.20
N THR A 391 -19.62 -5.02 -22.85
CA THR A 391 -19.26 -3.64 -22.55
C THR A 391 -20.40 -2.68 -22.94
N ASN A 392 -21.02 -2.02 -21.96
CA ASN A 392 -22.17 -1.15 -22.17
C ASN A 392 -21.81 0.26 -22.72
N GLN A 393 -22.79 1.19 -22.80
CA GLN A 393 -22.61 2.56 -23.31
C GLN A 393 -21.66 3.44 -22.47
N TYR A 394 -21.29 2.98 -21.26
CA TYR A 394 -20.40 3.69 -20.35
C TYR A 394 -18.97 3.07 -20.26
N GLY A 395 -18.70 2.03 -21.03
CA GLY A 395 -17.41 1.37 -21.02
C GLY A 395 -17.22 0.35 -19.91
N LEU A 396 -18.25 0.09 -19.11
CA LEU A 396 -18.16 -0.87 -18.01
C LEU A 396 -18.68 -2.23 -18.48
N LYS A 397 -17.97 -3.32 -18.13
CA LYS A 397 -18.41 -4.65 -18.52
C LYS A 397 -19.68 -4.97 -17.72
N SER A 398 -20.86 -4.81 -18.35
CA SER A 398 -22.18 -5.01 -17.75
C SER A 398 -22.80 -6.35 -18.20
N PRO A 399 -23.51 -7.08 -17.31
CA PRO A 399 -24.18 -8.32 -17.76
C PRO A 399 -25.45 -8.03 -18.58
N ASP A 400 -26.16 -9.09 -19.01
CA ASP A 400 -27.37 -8.92 -19.82
C ASP A 400 -28.48 -8.15 -19.08
N LYS A 401 -29.26 -7.35 -19.83
CA LYS A 401 -30.34 -6.51 -19.30
C LYS A 401 -31.48 -7.26 -18.60
N ALA A 402 -31.56 -8.60 -18.75
CA ALA A 402 -32.60 -9.37 -18.09
C ALA A 402 -32.22 -9.61 -16.63
N LEU A 403 -30.94 -9.95 -16.39
CA LEU A 403 -30.42 -10.20 -15.05
C LEU A 403 -30.42 -8.93 -14.19
N LEU A 404 -30.16 -7.77 -14.82
CA LEU A 404 -30.19 -6.50 -14.10
C LEU A 404 -31.63 -6.14 -13.75
N ASP A 405 -32.57 -6.39 -14.67
CA ASP A 405 -33.99 -6.14 -14.44
C ASP A 405 -34.57 -7.09 -13.37
N GLU A 406 -34.01 -8.31 -13.26
CA GLU A 406 -34.43 -9.29 -12.28
C GLU A 406 -34.08 -8.87 -10.85
N ILE A 407 -32.86 -8.33 -10.64
CA ILE A 407 -32.45 -7.88 -9.30
C ILE A 407 -32.78 -6.40 -9.00
N GLY A 408 -33.10 -5.64 -10.04
CA GLY A 408 -33.43 -4.22 -9.89
C GLY A 408 -32.23 -3.32 -9.72
N PHE A 409 -31.12 -3.63 -10.43
CA PHE A 409 -29.91 -2.82 -10.32
C PHE A 409 -29.98 -1.50 -11.10
N GLY A 410 -30.42 -1.57 -12.35
CA GLY A 410 -30.51 -0.41 -13.20
C GLY A 410 -29.37 -0.36 -14.19
N GLU A 411 -29.00 0.85 -14.62
CA GLU A 411 -27.89 1.01 -15.55
C GLU A 411 -26.57 0.93 -14.78
N VAL A 412 -25.68 0.03 -15.21
CA VAL A 412 -24.37 -0.11 -14.61
C VAL A 412 -23.50 1.11 -15.01
N LYS A 413 -23.49 2.14 -14.15
CA LYS A 413 -22.74 3.36 -14.41
C LYS A 413 -22.13 3.96 -13.14
N LEU A 414 -20.94 4.54 -13.27
CA LEU A 414 -20.23 5.18 -12.16
C LEU A 414 -21.08 6.21 -11.42
N PRO A 415 -21.07 6.18 -10.08
CA PRO A 415 -21.78 7.23 -9.33
C PRO A 415 -21.08 8.60 -9.41
N VAL A 416 -19.76 8.58 -9.71
CA VAL A 416 -18.92 9.76 -9.85
C VAL A 416 -17.71 9.41 -10.77
N THR A 417 -17.12 10.42 -11.42
CA THR A 417 -15.96 10.23 -12.27
C THR A 417 -14.75 10.98 -11.70
N LYS A 418 -13.52 10.64 -12.12
CA LYS A 418 -12.32 11.34 -11.64
C LYS A 418 -12.39 12.85 -11.86
N GLU A 419 -13.20 13.30 -12.81
CA GLU A 419 -13.34 14.71 -13.16
C GLU A 419 -14.31 15.49 -12.28
N GLU A 420 -15.20 14.79 -11.56
CA GLU A 420 -16.17 15.45 -10.68
C GLU A 420 -15.65 15.63 -9.24
N VAL A 421 -14.63 14.87 -8.86
CA VAL A 421 -14.07 14.91 -7.51
C VAL A 421 -12.86 15.83 -7.37
N GLY A 422 -12.59 16.25 -6.14
CA GLY A 422 -11.45 17.07 -5.80
C GLY A 422 -11.54 18.53 -6.17
N ALA A 423 -10.42 19.26 -5.94
CA ALA A 423 -10.30 20.67 -6.24
C ALA A 423 -10.28 20.88 -7.75
N ASP A 424 -11.04 21.88 -8.22
CA ASP A 424 -11.17 22.19 -9.65
C ASP A 424 -9.86 22.67 -10.28
N PHE A 425 -9.06 23.47 -9.54
CA PHE A 425 -7.79 24.01 -10.04
C PHE A 425 -6.62 23.03 -10.07
N TYR A 426 -6.58 22.05 -9.16
CA TYR A 426 -5.46 21.10 -9.06
C TYR A 426 -5.51 19.97 -10.08
N PRO A 427 -4.37 19.68 -10.73
CA PRO A 427 -4.37 18.62 -11.73
C PRO A 427 -4.13 17.23 -11.15
N LYS A 428 -4.60 16.20 -11.86
CA LYS A 428 -4.41 14.82 -11.43
C LYS A 428 -3.32 14.18 -12.28
N ASN A 429 -2.18 14.89 -12.41
CA ASN A 429 -1.01 14.44 -13.17
C ASN A 429 -0.33 13.27 -12.46
N GLU A 430 -0.09 12.17 -13.18
CA GLU A 430 0.52 10.98 -12.62
C GLU A 430 2.00 11.14 -12.29
N ALA A 431 2.40 10.64 -11.10
CA ALA A 431 3.78 10.66 -10.61
C ALA A 431 4.41 9.32 -10.98
N LEU A 432 4.61 9.12 -12.30
CA LEU A 432 5.15 7.87 -12.84
C LEU A 432 6.38 8.10 -13.69
N VAL A 433 7.55 8.19 -13.05
CA VAL A 433 8.80 8.35 -13.79
C VAL A 433 9.25 6.94 -14.13
N ALA A 434 8.94 6.50 -15.34
CA ALA A 434 9.25 5.16 -15.84
C ALA A 434 10.73 4.93 -16.08
N PHE A 435 11.16 3.66 -16.05
CA PHE A 435 12.55 3.28 -16.30
C PHE A 435 12.84 3.41 -17.81
N GLN A 436 14.00 3.99 -18.16
CA GLN A 436 14.44 4.20 -19.56
C GLN A 436 13.55 5.19 -20.31
N SER A 437 12.92 6.13 -19.60
CA SER A 437 12.02 7.10 -20.24
C SER A 437 12.68 8.43 -20.64
N GLY A 438 13.96 8.59 -20.35
CA GLY A 438 14.65 9.85 -20.63
C GLY A 438 15.80 9.78 -21.61
N LYS A 439 16.56 10.90 -21.67
CA LYS A 439 17.72 11.08 -22.53
C LYS A 439 18.80 10.04 -22.25
N THR A 440 19.56 9.64 -23.28
CA THR A 440 20.63 8.67 -23.10
C THR A 440 21.99 9.35 -23.04
N ILE A 441 22.78 9.03 -21.99
CA ILE A 441 24.11 9.58 -21.74
C ILE A 441 25.18 8.52 -22.05
N HIS A 442 26.38 8.93 -22.49
CA HIS A 442 27.45 7.99 -22.79
C HIS A 442 28.60 8.17 -21.81
N VAL A 443 28.97 7.09 -21.11
CA VAL A 443 29.99 7.16 -20.07
C VAL A 443 31.35 6.62 -20.52
N LYS A 444 32.33 7.52 -20.58
CA LYS A 444 33.70 7.16 -20.95
C LYS A 444 34.35 6.41 -19.79
N ALA A 445 35.16 5.37 -20.09
CA ALA A 445 35.87 4.63 -19.05
C ALA A 445 36.82 5.54 -18.29
N GLY A 446 36.97 5.29 -17.00
CA GLY A 446 37.88 6.08 -16.19
C GLY A 446 37.55 6.05 -14.73
N THR A 447 38.06 7.06 -14.04
CA THR A 447 37.89 7.23 -12.61
C THR A 447 36.81 8.28 -12.40
N ASP A 448 35.75 7.90 -11.66
CA ASP A 448 34.62 8.74 -11.31
C ASP A 448 33.84 9.26 -12.50
N THR A 449 33.89 8.54 -13.64
CA THR A 449 33.15 8.95 -14.81
C THR A 449 31.69 8.56 -14.65
N LEU A 450 31.42 7.36 -14.09
CA LEU A 450 30.05 6.93 -13.80
C LEU A 450 29.46 7.82 -12.72
N THR A 451 30.28 8.18 -11.71
CA THR A 451 29.92 9.09 -10.63
C THR A 451 29.36 10.42 -11.18
N SER A 452 30.13 11.10 -12.06
CA SER A 452 29.77 12.39 -12.68
C SER A 452 28.54 12.31 -13.57
N ALA A 453 28.42 11.24 -14.38
CA ALA A 453 27.28 11.03 -15.25
C ALA A 453 26.01 10.92 -14.44
N LEU A 454 26.07 10.20 -13.29
CA LEU A 454 24.94 10.00 -12.40
C LEU A 454 24.53 11.33 -11.83
N ALA A 455 25.47 12.04 -11.21
CA ALA A 455 25.24 13.32 -10.58
C ALA A 455 24.43 14.33 -11.42
N THR A 456 24.70 14.40 -12.74
CA THR A 456 24.03 15.33 -13.66
C THR A 456 22.91 14.71 -14.51
N SER A 457 22.65 13.41 -14.35
CA SER A 457 21.56 12.73 -15.05
C SER A 457 20.21 13.16 -14.48
N GLN A 458 19.15 12.93 -15.28
CA GLN A 458 17.75 13.24 -14.98
C GLN A 458 16.92 11.94 -14.79
N GLY A 459 15.75 12.07 -14.14
CA GLY A 459 14.86 10.96 -13.87
C GLY A 459 14.44 10.18 -15.10
N GLY A 460 14.79 8.91 -15.14
CA GLY A 460 14.48 8.01 -16.24
C GLY A 460 15.62 7.81 -17.22
N ASP A 461 16.66 8.67 -17.16
CA ASP A 461 17.79 8.60 -18.09
C ASP A 461 18.49 7.22 -18.14
N VAL A 462 19.27 6.98 -19.22
CA VAL A 462 20.02 5.75 -19.39
C VAL A 462 21.53 6.04 -19.51
N LEU A 463 22.36 5.47 -18.62
CA LEU A 463 23.82 5.67 -18.71
C LEU A 463 24.43 4.48 -19.44
N VAL A 464 24.91 4.70 -20.68
CA VAL A 464 25.49 3.59 -21.45
C VAL A 464 27.00 3.53 -21.27
N LEU A 465 27.47 2.36 -20.87
CA LEU A 465 28.88 2.16 -20.58
C LEU A 465 29.61 1.45 -21.74
N GLU A 466 30.95 1.64 -21.81
CA GLU A 466 31.85 1.07 -22.82
C GLU A 466 32.12 -0.41 -22.60
N ASN A 467 31.82 -1.23 -23.59
CA ASN A 467 31.99 -2.68 -23.53
C ASN A 467 33.42 -3.16 -23.30
N GLY A 468 33.64 -3.78 -22.14
CA GLY A 468 34.93 -4.32 -21.73
C GLY A 468 35.87 -3.33 -21.06
N ALA A 469 35.37 -2.11 -20.74
CA ALA A 469 36.23 -1.07 -20.15
C ALA A 469 36.21 -1.02 -18.62
N ASP A 470 37.34 -0.61 -18.03
CA ASP A 470 37.47 -0.52 -16.57
C ASP A 470 37.01 0.83 -16.06
N TYR A 471 36.08 0.78 -15.11
CA TYR A 471 35.48 1.93 -14.45
C TYR A 471 35.83 1.88 -12.97
N LEU A 472 36.32 2.99 -12.40
CA LEU A 472 36.67 3.02 -11.00
C LEU A 472 35.92 4.12 -10.31
N LEU A 473 35.47 3.86 -9.09
CA LEU A 473 34.79 4.85 -8.31
C LEU A 473 35.64 5.17 -7.08
N THR A 474 35.75 6.43 -6.75
CA THR A 474 36.44 6.86 -5.54
C THR A 474 35.48 7.64 -4.60
N LYS A 475 34.25 7.91 -5.07
CA LYS A 475 33.18 8.63 -4.40
C LYS A 475 31.92 7.79 -4.54
N PHE A 476 30.95 7.96 -3.61
CA PHE A 476 29.69 7.26 -3.71
C PHE A 476 28.93 7.63 -4.97
N ALA A 477 28.49 6.61 -5.76
CA ALA A 477 27.68 6.80 -6.98
C ALA A 477 26.23 6.84 -6.51
N GLU A 478 25.74 8.06 -6.21
CA GLU A 478 24.43 8.31 -5.65
C GLU A 478 23.31 8.32 -6.67
N VAL A 479 22.17 7.67 -6.34
CA VAL A 479 21.01 7.53 -7.22
C VAL A 479 19.81 8.22 -6.61
N HIS A 480 19.51 9.45 -7.07
CA HIS A 480 18.45 10.28 -6.49
C HIS A 480 17.12 10.30 -7.26
N HIS A 481 17.03 9.56 -8.35
CA HIS A 481 15.87 9.46 -9.25
C HIS A 481 15.96 8.14 -10.04
N PRO A 482 14.91 7.69 -10.81
CA PRO A 482 15.06 6.43 -11.57
C PRO A 482 16.20 6.53 -12.56
N VAL A 483 17.07 5.50 -12.62
CA VAL A 483 18.25 5.47 -13.47
C VAL A 483 18.53 4.04 -13.94
N THR A 484 19.01 3.91 -15.17
CA THR A 484 19.42 2.63 -15.72
C THR A 484 20.93 2.72 -15.96
N ILE A 485 21.71 1.78 -15.44
CA ILE A 485 23.16 1.77 -15.65
C ILE A 485 23.46 0.48 -16.36
N MET A 486 23.59 0.56 -17.68
CA MET A 486 23.81 -0.62 -18.49
C MET A 486 24.96 -0.50 -19.49
N ALA A 487 25.24 -1.62 -20.17
CA ALA A 487 26.18 -1.78 -21.26
C ALA A 487 25.47 -2.73 -22.23
N LYS A 488 25.39 -2.37 -23.52
CA LYS A 488 24.70 -3.20 -24.52
C LYS A 488 25.61 -4.36 -25.00
N ALA A 489 25.17 -5.14 -26.01
CA ALA A 489 25.95 -6.21 -26.65
C ALA A 489 26.44 -7.34 -25.59
N GLY A 490 27.70 -7.83 -25.56
CA GLY A 490 28.12 -8.86 -24.62
C GLY A 490 29.50 -8.72 -24.03
N LYS A 491 30.00 -7.48 -23.88
CA LYS A 491 31.31 -7.26 -23.26
C LYS A 491 31.12 -6.49 -21.97
N LYS A 492 31.20 -7.20 -20.84
CA LYS A 492 30.98 -6.60 -19.54
C LYS A 492 32.05 -5.60 -19.12
N PRO A 493 31.67 -4.32 -18.89
CA PRO A 493 32.63 -3.38 -18.31
C PRO A 493 32.87 -3.74 -16.84
N VAL A 494 34.08 -3.49 -16.32
CA VAL A 494 34.41 -3.86 -14.94
C VAL A 494 34.48 -2.67 -14.00
N ILE A 495 33.48 -2.60 -13.10
CA ILE A 495 33.34 -1.54 -12.12
C ILE A 495 33.95 -1.94 -10.80
N ARG A 496 34.80 -1.09 -10.28
CA ARG A 496 35.43 -1.28 -8.98
C ARG A 496 35.27 0.02 -8.22
N SER A 497 35.43 -0.03 -6.90
CA SER A 497 35.32 1.17 -6.08
C SER A 497 36.24 1.09 -4.89
N GLN A 498 36.74 2.26 -4.47
CA GLN A 498 37.57 2.47 -3.27
C GLN A 498 36.74 2.91 -2.05
N LYS A 499 35.41 3.03 -2.20
CA LYS A 499 34.53 3.39 -1.09
C LYS A 499 33.98 2.08 -0.52
N PRO A 500 33.46 2.08 0.73
CA PRO A 500 32.83 0.87 1.26
C PRO A 500 31.68 0.39 0.37
N ASN A 501 30.79 1.29 -0.08
CA ASN A 501 29.71 0.91 -0.99
C ASN A 501 29.93 1.47 -2.39
N PHE A 502 29.53 0.74 -3.44
CA PHE A 502 29.69 1.23 -4.80
C PHE A 502 28.61 2.26 -5.10
N ILE A 503 27.33 1.83 -5.12
CA ILE A 503 26.17 2.63 -5.44
C ILE A 503 25.21 2.71 -4.25
N ASN A 504 24.80 3.94 -3.89
CA ASN A 504 23.79 4.16 -2.86
C ASN A 504 22.50 4.65 -3.55
N ILE A 505 21.39 3.92 -3.37
CA ILE A 505 20.10 4.35 -3.90
C ILE A 505 19.54 5.25 -2.80
N GLU A 506 19.41 6.56 -3.08
CA GLU A 506 18.89 7.55 -2.14
C GLU A 506 17.37 7.80 -2.36
N ASN A 507 16.76 8.72 -1.58
CA ASN A 507 15.32 8.97 -1.70
C ASN A 507 14.88 9.45 -3.09
N GLY A 508 13.83 8.81 -3.61
CA GLY A 508 13.35 9.09 -4.95
C GLY A 508 14.04 8.27 -6.02
N GLY A 509 15.13 7.61 -5.65
CA GLY A 509 15.92 6.80 -6.55
C GLY A 509 15.37 5.43 -6.77
N ALA A 510 15.55 4.94 -7.97
CA ALA A 510 15.20 3.59 -8.41
C ALA A 510 16.34 3.19 -9.36
N LEU A 511 16.80 1.94 -9.29
CA LEU A 511 17.92 1.51 -10.08
C LEU A 511 17.79 0.23 -10.84
N GLU A 512 18.11 0.27 -12.14
CA GLU A 512 18.22 -0.96 -12.91
C GLU A 512 19.61 -1.05 -13.53
N VAL A 513 20.29 -2.18 -13.32
CA VAL A 513 21.62 -2.42 -13.86
C VAL A 513 21.59 -3.61 -14.80
N GLU A 514 22.24 -3.49 -15.96
CA GLU A 514 22.26 -4.59 -16.92
C GLU A 514 23.63 -4.77 -17.55
N ASN A 515 24.05 -6.02 -17.73
CA ASN A 515 25.34 -6.32 -18.36
C ASN A 515 26.53 -5.62 -17.70
N LEU A 516 26.63 -5.71 -16.37
CA LEU A 516 27.72 -5.06 -15.64
C LEU A 516 28.51 -6.07 -14.84
N TRP A 517 29.78 -5.76 -14.61
CA TRP A 517 30.64 -6.61 -13.81
C TRP A 517 31.16 -5.79 -12.64
N PHE A 518 30.89 -6.21 -11.39
CA PHE A 518 31.42 -5.51 -10.23
C PHE A 518 32.54 -6.35 -9.60
N ASP A 519 33.64 -5.71 -9.16
CA ASP A 519 34.76 -6.46 -8.58
C ASP A 519 35.36 -5.73 -7.35
N GLY A 520 35.77 -6.50 -6.36
CA GLY A 520 36.28 -5.91 -5.12
C GLY A 520 37.76 -5.61 -5.02
N ALA A 521 38.53 -5.59 -6.14
CA ALA A 521 39.98 -5.39 -6.06
C ALA A 521 40.40 -4.05 -5.45
N GLU A 522 39.55 -3.03 -5.53
CA GLU A 522 39.85 -1.72 -4.95
C GLU A 522 39.16 -1.46 -3.61
N SER A 523 38.22 -2.35 -3.21
CA SER A 523 37.42 -2.17 -2.01
C SER A 523 38.25 -2.11 -0.76
N PRO A 524 37.94 -1.16 0.13
CA PRO A 524 38.75 -1.00 1.34
C PRO A 524 38.62 -2.14 2.39
N ASP A 525 39.65 -2.26 3.25
CA ASP A 525 39.76 -3.26 4.30
C ASP A 525 38.90 -2.87 5.50
N TYR A 526 37.60 -2.96 5.30
CA TYR A 526 36.57 -2.69 6.29
C TYR A 526 35.55 -3.81 6.15
N LYS A 527 34.90 -4.15 7.28
CA LYS A 527 33.80 -5.10 7.24
C LYS A 527 32.53 -4.30 6.98
N GLY A 528 31.60 -4.86 6.21
CA GLY A 528 30.33 -4.18 5.97
C GLY A 528 30.19 -3.51 4.63
N ASN A 529 31.14 -3.72 3.72
CA ASN A 529 31.08 -3.14 2.38
C ASN A 529 29.90 -3.77 1.63
N THR A 530 29.35 -3.05 0.63
CA THR A 530 28.29 -3.56 -0.23
C THR A 530 28.43 -3.02 -1.66
N ILE A 531 27.90 -3.75 -2.67
CA ILE A 531 27.95 -3.28 -4.05
C ILE A 531 26.87 -2.23 -4.21
N ILE A 532 25.61 -2.58 -3.83
CA ILE A 532 24.46 -1.68 -3.86
C ILE A 532 23.88 -1.62 -2.43
N GLY A 533 23.49 -0.44 -1.99
CA GLY A 533 22.88 -0.24 -0.69
C GLY A 533 21.84 0.85 -0.72
N THR A 534 20.83 0.78 0.17
CA THR A 534 19.82 1.84 0.27
C THR A 534 20.35 3.00 1.17
N SER A 535 19.70 4.16 1.10
CA SER A 535 20.14 5.42 1.69
C SER A 535 20.99 5.43 2.99
N GLY A 536 20.51 4.83 4.06
CA GLY A 536 21.16 5.02 5.36
C GLY A 536 20.38 6.06 6.18
N TYR A 537 19.38 6.72 5.56
CA TYR A 537 18.40 7.63 6.15
C TYR A 537 17.03 7.15 5.60
N SER A 538 15.99 7.24 6.41
CA SER A 538 14.64 6.84 6.00
C SER A 538 14.21 7.39 4.62
N MET A 539 13.69 6.52 3.74
CA MET A 539 13.28 6.89 2.40
C MET A 539 11.76 6.86 2.24
N ASN A 540 11.08 8.02 2.33
CA ASN A 540 9.63 8.03 2.17
C ASN A 540 9.15 7.83 0.69
N ILE A 541 10.08 7.68 -0.27
CA ILE A 541 9.72 7.37 -1.64
C ILE A 541 10.16 5.94 -1.98
N ASN A 542 9.20 5.11 -2.36
CA ASN A 542 9.47 3.72 -2.68
C ASN A 542 10.44 3.61 -3.87
N TYR A 543 11.32 2.59 -3.82
CA TYR A 543 12.34 2.38 -4.83
C TYR A 543 12.13 1.04 -5.54
N ASN A 544 12.92 0.79 -6.59
CA ASN A 544 12.90 -0.44 -7.35
C ASN A 544 14.36 -0.85 -7.67
N LEU A 545 14.63 -2.16 -7.73
CA LEU A 545 15.96 -2.63 -8.05
C LEU A 545 15.86 -3.77 -9.01
N SER A 546 16.36 -3.57 -10.23
CA SER A 546 16.39 -4.64 -11.22
C SER A 546 17.86 -4.92 -11.55
N VAL A 547 18.30 -6.13 -11.26
CA VAL A 547 19.66 -6.55 -11.52
C VAL A 547 19.55 -7.63 -12.57
N ARG A 548 19.96 -7.33 -13.82
CA ARG A 548 19.86 -8.28 -14.93
C ARG A 548 21.23 -8.49 -15.60
N ASN A 549 21.58 -9.75 -15.92
CA ASN A 549 22.85 -10.15 -16.52
C ASN A 549 24.07 -9.48 -15.88
N VAL A 550 24.40 -9.87 -14.66
CA VAL A 550 25.47 -9.23 -13.92
C VAL A 550 26.50 -10.23 -13.40
N LYS A 551 27.78 -9.82 -13.32
CA LYS A 551 28.81 -10.66 -12.74
C LYS A 551 29.37 -9.95 -11.53
N VAL A 552 29.53 -10.67 -10.43
CA VAL A 552 30.06 -10.12 -9.21
C VAL A 552 31.13 -11.08 -8.75
N THR A 553 32.35 -10.60 -8.48
CA THR A 553 33.41 -11.50 -8.08
C THR A 553 34.25 -10.93 -6.98
N ASP A 554 34.80 -11.81 -6.18
CA ASP A 554 35.78 -11.49 -5.17
C ASP A 554 35.41 -10.31 -4.26
N LEU A 555 34.35 -10.47 -3.46
CA LEU A 555 33.96 -9.49 -2.47
C LEU A 555 34.52 -10.08 -1.17
N ASP A 556 35.86 -10.22 -1.10
CA ASP A 556 36.51 -10.86 0.02
C ASP A 556 37.66 -10.10 0.66
N VAL A 557 37.74 -8.79 0.52
CA VAL A 557 38.82 -7.98 1.13
C VAL A 557 38.82 -8.19 2.66
N ASN A 558 37.64 -8.10 3.24
CA ASN A 558 37.39 -8.34 4.66
C ASN A 558 36.05 -9.11 4.71
N GLY A 559 35.63 -9.52 5.91
CA GLY A 559 34.37 -10.25 6.05
C GLY A 559 33.16 -9.34 5.96
N TYR A 560 31.97 -9.95 5.83
CA TYR A 560 30.69 -9.25 5.79
C TYR A 560 30.60 -8.30 4.61
N PHE A 561 30.93 -8.79 3.40
CA PHE A 561 30.85 -7.96 2.20
C PHE A 561 29.64 -8.41 1.42
N TYR A 562 28.65 -7.52 1.24
CA TYR A 562 27.39 -7.86 0.57
C TYR A 562 27.27 -7.42 -0.85
N PHE A 563 26.32 -8.01 -1.57
CA PHE A 563 25.97 -7.52 -2.90
C PHE A 563 24.96 -6.40 -2.66
N PHE A 564 23.92 -6.65 -1.84
CA PHE A 564 22.85 -5.70 -1.55
C PHE A 564 22.38 -5.70 -0.09
N LYS A 565 22.22 -4.50 0.49
CA LYS A 565 21.71 -4.33 1.83
C LYS A 565 20.61 -3.32 1.72
N ALA A 566 19.40 -3.70 2.10
CA ALA A 566 18.26 -2.80 2.13
C ALA A 566 18.09 -2.36 3.58
N ASN A 567 18.49 -1.12 3.88
CA ASN A 567 18.41 -0.55 5.23
C ASN A 567 16.99 -0.37 5.73
N ALA A 568 16.80 -0.39 7.07
CA ALA A 568 15.49 -0.19 7.68
C ALA A 568 15.00 1.22 7.35
N GLY A 569 13.71 1.33 7.13
CA GLY A 569 13.11 2.60 6.75
C GLY A 569 13.12 2.82 5.25
N THR A 570 13.52 1.80 4.46
CA THR A 570 13.51 1.83 3.00
C THR A 570 12.57 0.72 2.51
N PHE A 571 11.95 0.93 1.34
CA PHE A 571 11.00 -0.06 0.83
C PHE A 571 10.99 -0.16 -0.67
N ALA A 572 11.14 -1.39 -1.17
CA ALA A 572 11.07 -1.62 -2.61
C ALA A 572 9.72 -2.16 -3.02
N ASP A 573 9.13 -1.55 -4.05
CA ASP A 573 7.92 -2.08 -4.65
C ASP A 573 8.33 -3.36 -5.43
N SER A 574 9.51 -3.36 -6.07
CA SER A 574 10.00 -4.50 -6.83
C SER A 574 11.52 -4.65 -6.75
N ILE A 575 11.99 -5.85 -6.44
CA ILE A 575 13.39 -6.27 -6.51
C ILE A 575 13.44 -7.49 -7.43
N GLU A 576 14.32 -7.45 -8.45
CA GLU A 576 14.54 -8.54 -9.41
C GLU A 576 16.02 -8.82 -9.54
N ILE A 577 16.39 -10.11 -9.48
CA ILE A 577 17.79 -10.55 -9.61
C ILE A 577 17.75 -11.61 -10.69
N ILE A 578 18.11 -11.26 -11.93
CA ILE A 578 18.00 -12.18 -13.07
C ILE A 578 19.28 -12.37 -13.93
N ASP A 579 19.50 -13.63 -14.39
CA ASP A 579 20.59 -14.03 -15.28
C ASP A 579 21.96 -13.52 -14.82
N SER A 580 22.22 -13.64 -13.53
CA SER A 580 23.44 -13.15 -12.91
C SER A 580 24.27 -14.26 -12.25
N GLU A 581 25.54 -13.98 -12.01
CA GLU A 581 26.49 -14.92 -11.42
C GLU A 581 27.23 -14.22 -10.30
N PHE A 582 27.39 -14.91 -9.18
CA PHE A 582 28.03 -14.31 -8.02
C PHE A 582 29.07 -15.25 -7.51
N SER A 583 30.31 -14.76 -7.30
CA SER A 583 31.37 -15.64 -6.83
C SER A 583 32.24 -15.02 -5.76
N ASN A 584 32.61 -15.82 -4.75
CA ASN A 584 33.50 -15.46 -3.64
C ASN A 584 33.06 -14.20 -2.88
N ILE A 585 31.94 -14.27 -2.16
CA ILE A 585 31.40 -13.14 -1.41
C ILE A 585 31.32 -13.49 0.09
N THR A 586 31.95 -12.68 0.98
CA THR A 586 31.97 -12.99 2.42
C THR A 586 30.72 -12.62 3.22
N GLY A 587 29.81 -11.90 2.59
CA GLY A 587 28.56 -11.49 3.21
C GLY A 587 27.42 -12.20 2.51
N ALA A 588 26.31 -11.53 2.32
CA ALA A 588 25.11 -12.08 1.71
C ALA A 588 24.80 -11.40 0.38
N ILE A 589 23.95 -12.00 -0.46
CA ILE A 589 23.58 -11.38 -1.73
C ILE A 589 22.53 -10.32 -1.44
N LEU A 590 21.38 -10.71 -0.83
CA LEU A 590 20.28 -9.81 -0.50
C LEU A 590 19.96 -9.85 1.01
N GLN A 591 20.32 -8.78 1.74
CA GLN A 591 20.07 -8.64 3.17
C GLN A 591 18.84 -7.74 3.29
N LEU A 592 17.67 -8.39 3.36
CA LEU A 592 16.36 -7.77 3.48
C LEU A 592 15.73 -8.18 4.83
N ASN A 593 16.54 -8.20 5.90
CA ASN A 593 16.10 -8.65 7.23
C ASN A 593 16.36 -7.55 8.31
N ARG A 594 16.39 -6.28 7.90
CA ARG A 594 16.82 -5.24 8.82
C ARG A 594 15.68 -4.54 9.62
N GLU A 595 14.40 -4.91 9.38
CA GLU A 595 13.31 -4.33 10.17
C GLU A 595 13.20 -5.01 11.54
N VAL A 596 13.60 -4.31 12.59
CA VAL A 596 13.71 -4.85 13.93
C VAL A 596 12.49 -4.59 14.87
N ASP A 597 11.40 -3.95 14.38
CA ASP A 597 10.26 -3.64 15.26
C ASP A 597 9.36 -4.82 15.57
N ASP A 598 9.35 -5.84 14.70
CA ASP A 598 8.53 -7.02 14.91
C ASP A 598 7.03 -6.70 14.94
N LEU A 599 6.57 -5.77 14.09
CA LEU A 599 5.15 -5.45 14.03
C LEU A 599 4.65 -5.29 12.60
N GLY A 600 5.20 -6.08 11.69
CA GLY A 600 4.70 -6.09 10.32
C GLY A 600 5.42 -5.21 9.33
N VAL A 601 6.53 -4.59 9.75
CA VAL A 601 7.26 -3.75 8.82
C VAL A 601 8.32 -4.63 8.14
N TYR A 602 8.27 -4.69 6.79
CA TYR A 602 9.20 -5.49 5.97
C TYR A 602 9.87 -4.60 4.87
N SER A 603 10.89 -5.11 4.14
CA SER A 603 11.65 -4.30 3.20
C SER A 603 11.32 -4.43 1.70
N VAL A 604 10.49 -5.39 1.29
CA VAL A 604 10.21 -5.59 -0.13
C VAL A 604 8.79 -6.10 -0.36
N GLU A 605 8.11 -5.61 -1.41
CA GLU A 605 6.79 -6.10 -1.74
C GLU A 605 6.95 -7.26 -2.73
N ASN A 606 7.54 -7.03 -3.91
CA ASN A 606 7.76 -8.11 -4.87
C ASN A 606 9.24 -8.49 -5.03
N LEU A 607 9.58 -9.78 -4.86
CA LEU A 607 10.94 -10.29 -4.99
C LEU A 607 11.05 -11.45 -5.97
N VAL A 608 11.83 -11.27 -7.04
CA VAL A 608 12.05 -12.31 -8.04
C VAL A 608 13.56 -12.62 -8.11
N ILE A 609 13.92 -13.88 -7.88
CA ILE A 609 15.30 -14.35 -7.99
C ILE A 609 15.29 -15.46 -9.04
N SER A 610 15.87 -15.22 -10.22
CA SER A 610 15.78 -16.21 -11.29
C SER A 610 16.93 -16.25 -12.30
N GLY A 611 17.27 -17.47 -12.74
CA GLY A 611 18.31 -17.74 -13.74
C GLY A 611 19.70 -17.41 -13.24
N ASN A 612 19.94 -17.63 -11.93
CA ASN A 612 21.18 -17.23 -11.28
C ASN A 612 22.09 -18.34 -10.73
N THR A 613 23.37 -18.02 -10.60
CA THR A 613 24.33 -18.94 -10.01
C THR A 613 25.04 -18.22 -8.88
N PHE A 614 25.30 -18.93 -7.78
CA PHE A 614 25.95 -18.34 -6.63
C PHE A 614 27.02 -19.31 -6.16
N THR A 615 28.27 -18.86 -6.02
CA THR A 615 29.35 -19.73 -5.60
C THR A 615 30.21 -19.09 -4.50
N ASN A 616 30.56 -19.85 -3.45
CA ASN A 616 31.37 -19.43 -2.30
C ASN A 616 30.84 -18.14 -1.64
N VAL A 617 29.62 -18.22 -1.10
CA VAL A 617 28.92 -17.11 -0.42
C VAL A 617 28.86 -17.51 1.07
N LYS A 618 29.66 -16.86 1.94
CA LYS A 618 29.70 -17.21 3.36
C LYS A 618 28.37 -16.99 4.10
N GLU A 619 27.52 -16.06 3.61
CA GLU A 619 26.20 -15.85 4.20
C GLU A 619 25.10 -16.26 3.19
N GLU A 620 23.87 -15.73 3.32
CA GLU A 620 22.71 -16.11 2.51
C GLU A 620 22.65 -15.52 1.10
N VAL A 621 21.95 -16.21 0.21
CA VAL A 621 21.59 -15.68 -1.10
C VAL A 621 20.52 -14.60 -0.81
N VAL A 622 19.53 -14.93 0.04
CA VAL A 622 18.50 -14.01 0.46
C VAL A 622 18.03 -14.35 1.86
N THR A 623 17.73 -13.33 2.65
CA THR A 623 17.16 -13.40 4.00
C THR A 623 16.10 -12.32 4.04
N VAL A 624 14.82 -12.73 4.05
CA VAL A 624 13.69 -11.82 4.05
C VAL A 624 13.00 -11.91 5.41
N TYR A 625 12.71 -10.76 6.04
CA TYR A 625 12.11 -10.72 7.36
C TYR A 625 10.96 -9.76 7.55
N ARG A 626 9.80 -10.32 7.96
CA ARG A 626 8.63 -9.57 8.37
C ARG A 626 8.21 -10.18 9.69
N GLY A 627 8.73 -9.65 10.78
CA GLY A 627 8.43 -10.16 12.11
C GLY A 627 7.05 -9.81 12.62
N GLY A 628 6.64 -10.45 13.72
CA GLY A 628 5.33 -10.21 14.31
C GLY A 628 4.19 -10.98 13.69
N THR A 629 2.97 -10.57 14.04
CA THR A 629 1.70 -11.24 13.66
C THR A 629 0.70 -10.33 12.93
N ASP A 630 1.20 -9.31 12.22
CA ASP A 630 0.31 -8.36 11.56
C ASP A 630 -0.36 -8.96 10.31
N GLU A 631 -1.66 -8.70 10.13
CA GLU A 631 -2.44 -9.19 8.99
C GLU A 631 -2.97 -8.06 8.10
N SER A 632 -2.28 -6.93 8.08
CA SER A 632 -2.73 -5.75 7.35
C SER A 632 -2.10 -5.55 6.01
N THR A 633 -1.07 -6.34 5.67
CA THR A 633 -0.30 -6.12 4.45
C THR A 633 -0.23 -7.34 3.56
N PHE A 634 0.08 -7.15 2.28
CA PHE A 634 0.27 -8.28 1.38
C PHE A 634 1.70 -8.83 1.49
N GLY A 635 2.33 -8.71 2.68
CA GLY A 635 3.69 -9.14 3.05
C GLY A 635 4.68 -9.26 1.92
N PRO A 636 5.89 -9.78 2.16
CA PRO A 636 6.80 -10.00 1.04
C PRO A 636 6.23 -11.13 0.15
N MET A 637 6.20 -10.91 -1.17
CA MET A 637 5.74 -11.87 -2.18
C MET A 637 6.98 -12.23 -3.00
N VAL A 638 7.54 -13.43 -2.75
CA VAL A 638 8.77 -13.95 -3.31
C VAL A 638 8.61 -15.14 -4.31
N SER A 639 9.37 -15.10 -5.41
CA SER A 639 9.47 -16.14 -6.46
C SER A 639 10.95 -16.50 -6.69
N VAL A 640 11.33 -17.77 -6.51
CA VAL A 640 12.70 -18.26 -6.68
C VAL A 640 12.72 -19.42 -7.68
N THR A 641 13.05 -19.15 -8.96
CA THR A 641 13.06 -20.21 -9.98
C THR A 641 14.38 -20.28 -10.75
N ASN A 642 14.77 -21.49 -11.23
CA ASN A 642 15.97 -21.73 -12.04
C ASN A 642 17.28 -21.15 -11.46
N ASN A 643 17.74 -21.71 -10.33
CA ASN A 643 18.97 -21.21 -9.69
C ASN A 643 19.86 -22.35 -9.25
N THR A 644 21.13 -22.03 -9.04
CA THR A 644 22.08 -23.01 -8.58
C THR A 644 22.86 -22.37 -7.44
N LEU A 645 23.00 -23.10 -6.34
CA LEU A 645 23.72 -22.59 -5.18
C LEU A 645 24.86 -23.55 -4.86
N THR A 646 26.06 -23.01 -4.74
CA THR A 646 27.25 -23.81 -4.51
C THR A 646 28.04 -23.16 -3.37
N ASN A 647 28.25 -23.87 -2.25
CA ASN A 647 28.96 -23.38 -1.06
C ASN A 647 28.34 -22.04 -0.57
N VAL A 648 27.03 -22.06 -0.22
CA VAL A 648 26.30 -20.86 0.23
C VAL A 648 25.75 -21.00 1.65
N GLY A 649 26.13 -20.10 2.54
CA GLY A 649 25.59 -20.06 3.89
C GLY A 649 26.31 -20.89 4.92
N LYS A 650 27.50 -21.38 4.59
CA LYS A 650 28.25 -22.22 5.51
C LYS A 650 29.13 -21.46 6.54
N GLY A 651 29.18 -20.12 6.42
CA GLY A 651 29.95 -19.27 7.33
C GLY A 651 29.39 -19.18 8.74
N SER A 652 30.18 -18.67 9.67
CA SER A 652 29.75 -18.54 11.06
C SER A 652 29.21 -17.13 11.44
N THR A 653 29.26 -16.17 10.51
CA THR A 653 28.92 -14.77 10.78
C THR A 653 27.44 -14.37 10.72
N HIS A 654 26.63 -14.98 9.81
CA HIS A 654 25.19 -14.68 9.71
C HIS A 654 24.39 -15.44 10.77
N ARG A 655 23.39 -14.79 11.38
CA ARG A 655 22.64 -15.38 12.47
C ARG A 655 21.65 -16.49 12.08
N SER A 656 21.09 -16.44 10.86
CA SER A 656 20.14 -17.48 10.48
C SER A 656 20.88 -18.83 10.32
N GLY A 657 22.09 -18.78 9.75
CA GLY A 657 22.91 -19.96 9.50
C GLY A 657 22.36 -20.80 8.35
N ALA A 658 21.61 -20.16 7.43
CA ALA A 658 20.92 -20.72 6.29
C ALA A 658 21.48 -20.18 4.96
N SER A 659 21.09 -20.80 3.83
CA SER A 659 21.42 -20.33 2.52
C SER A 659 20.31 -19.38 2.06
N MET A 660 19.04 -19.73 2.34
CA MET A 660 17.88 -18.91 2.01
C MET A 660 17.03 -18.86 3.26
N TYR A 661 16.62 -17.65 3.69
CA TYR A 661 15.84 -17.52 4.93
C TYR A 661 14.59 -16.73 4.70
N PHE A 662 13.46 -17.30 5.10
CA PHE A 662 12.18 -16.65 4.92
C PHE A 662 11.38 -16.61 6.20
N HIS A 663 11.11 -15.39 6.70
CA HIS A 663 10.34 -15.19 7.93
C HIS A 663 9.21 -14.23 7.61
N GLY A 664 7.98 -14.66 7.81
CA GLY A 664 6.82 -13.82 7.54
C GLY A 664 6.54 -13.59 6.08
N VAL A 665 7.17 -14.34 5.16
CA VAL A 665 6.89 -14.16 3.73
C VAL A 665 5.46 -14.66 3.42
N GLN A 666 4.63 -13.84 2.75
CA GLN A 666 3.21 -14.20 2.55
C GLN A 666 2.88 -15.00 1.27
N LYS A 667 3.73 -14.94 0.25
CA LYS A 667 3.50 -15.70 -0.98
C LYS A 667 4.88 -16.15 -1.46
N LEU A 668 5.29 -17.37 -1.10
CA LEU A 668 6.60 -17.90 -1.41
C LEU A 668 6.58 -19.08 -2.41
N ASN A 669 7.16 -18.88 -3.59
CA ASN A 669 7.20 -19.91 -4.60
C ASN A 669 8.62 -20.30 -5.00
N ILE A 670 9.11 -21.44 -4.51
CA ILE A 670 10.46 -21.90 -4.84
C ILE A 670 10.42 -23.12 -5.77
N SER A 671 11.07 -23.04 -6.94
CA SER A 671 11.10 -24.20 -7.86
C SER A 671 12.34 -24.23 -8.76
N GLU A 672 12.65 -25.43 -9.31
CA GLU A 672 13.76 -25.68 -10.25
C GLU A 672 15.07 -25.06 -9.78
N THR A 673 15.46 -25.32 -8.54
CA THR A 673 16.70 -24.79 -8.00
C THR A 673 17.46 -25.90 -7.27
N LYS A 674 18.80 -25.86 -7.33
CA LYS A 674 19.62 -26.88 -6.70
C LYS A 674 20.56 -26.31 -5.66
N TRP A 675 20.76 -27.03 -4.56
CA TRP A 675 21.67 -26.65 -3.50
C TRP A 675 22.82 -27.67 -3.56
N ASP A 676 24.07 -27.23 -3.41
CA ASP A 676 25.23 -28.12 -3.48
C ASP A 676 26.18 -27.68 -2.37
N ASN A 677 26.50 -28.59 -1.42
CA ASN A 677 27.38 -28.34 -0.25
C ASN A 677 27.16 -26.96 0.36
N SER A 678 25.89 -26.60 0.54
CA SER A 678 25.50 -25.30 1.05
C SER A 678 24.91 -25.45 2.48
N ALA A 679 24.18 -24.44 2.96
CA ALA A 679 23.44 -24.44 4.21
C ALA A 679 21.95 -24.65 3.83
N PRO A 680 21.14 -25.18 4.75
CA PRO A 680 19.73 -25.49 4.39
C PRO A 680 18.85 -24.29 4.07
N LEU A 681 17.73 -24.57 3.37
CA LEU A 681 16.72 -23.61 3.07
C LEU A 681 15.85 -23.57 4.35
N GLU A 682 15.62 -22.36 4.92
CA GLU A 682 14.86 -22.24 6.16
C GLU A 682 13.57 -21.46 6.03
N LEU A 683 12.58 -21.93 6.76
CA LEU A 683 11.30 -21.27 6.81
C LEU A 683 10.92 -20.96 8.24
N PHE A 684 10.18 -19.87 8.37
CA PHE A 684 9.57 -19.40 9.60
C PHE A 684 8.27 -18.82 9.13
N LEU A 685 7.22 -19.64 9.13
CA LEU A 685 5.91 -19.21 8.67
C LEU A 685 5.12 -18.55 9.82
N THR A 686 4.57 -17.35 9.56
CA THR A 686 3.83 -16.58 10.55
C THR A 686 2.27 -16.71 10.33
N ASN A 687 1.44 -15.92 11.05
CA ASN A 687 0.00 -15.99 10.90
C ASN A 687 -0.46 -15.50 9.50
N GLY A 688 -1.75 -15.33 9.30
CA GLY A 688 -2.28 -14.98 8.00
C GLY A 688 -2.36 -16.26 7.17
N GLY A 689 -2.54 -16.10 5.88
CA GLY A 689 -2.60 -17.28 5.00
C GLY A 689 -1.36 -17.39 4.15
N PRO A 690 -0.18 -17.75 4.73
CA PRO A 690 1.03 -17.82 3.90
C PRO A 690 1.01 -19.00 2.93
N ILE A 691 0.93 -18.66 1.64
CA ILE A 691 0.96 -19.58 0.52
C ILE A 691 2.45 -19.92 0.25
N THR A 692 2.83 -21.18 0.43
CA THR A 692 4.20 -21.62 0.21
C THR A 692 4.22 -22.93 -0.58
N VAL A 693 4.56 -22.85 -1.89
CA VAL A 693 4.68 -24.01 -2.79
C VAL A 693 6.13 -24.24 -3.21
N ILE A 694 6.77 -25.24 -2.60
CA ILE A 694 8.14 -25.64 -2.93
C ILE A 694 8.05 -26.88 -3.85
N ASP A 695 8.68 -26.82 -5.02
CA ASP A 695 8.65 -27.94 -5.97
C ASP A 695 9.93 -28.09 -6.77
N ASN A 696 10.23 -29.32 -7.24
CA ASN A 696 11.39 -29.66 -8.08
C ASN A 696 12.67 -29.01 -7.61
N VAL A 697 13.10 -29.36 -6.41
CA VAL A 697 14.31 -28.79 -5.84
C VAL A 697 15.31 -29.87 -5.49
N GLU A 698 16.53 -29.70 -5.97
CA GLU A 698 17.58 -30.64 -5.69
C GLU A 698 18.38 -30.12 -4.50
N MET A 699 18.75 -31.00 -3.55
CA MET A 699 19.54 -30.57 -2.40
C MET A 699 20.69 -31.54 -2.12
N LYS A 700 21.70 -31.52 -3.01
CA LYS A 700 22.87 -32.37 -2.93
C LYS A 700 23.81 -31.91 -1.83
N ASN A 701 24.16 -32.83 -0.92
CA ASN A 701 25.07 -32.60 0.19
C ASN A 701 24.64 -31.38 1.04
N THR A 702 23.33 -31.28 1.30
CA THR A 702 22.76 -30.17 2.11
C THR A 702 21.71 -30.73 3.09
N ASP A 703 21.81 -30.41 4.41
CA ASP A 703 20.82 -30.79 5.44
C ASP A 703 19.41 -30.38 5.00
N LYS A 704 18.38 -31.22 5.26
CA LYS A 704 17.03 -30.95 4.76
C LYS A 704 16.37 -29.69 5.34
N ILE A 705 15.41 -29.14 4.56
CA ILE A 705 14.61 -27.95 4.79
C ILE A 705 14.22 -27.73 6.24
N ARG A 706 14.70 -26.62 6.84
CA ARG A 706 14.33 -26.27 8.21
C ARG A 706 12.99 -25.52 8.22
N ALA A 707 12.18 -25.73 9.28
CA ALA A 707 10.87 -25.10 9.41
C ALA A 707 10.42 -24.98 10.86
N ASN A 708 9.64 -23.94 11.17
CA ASN A 708 9.09 -23.76 12.51
C ASN A 708 7.83 -24.66 12.70
N ASN A 709 7.05 -24.86 11.60
CA ASN A 709 5.85 -25.69 11.51
C ASN A 709 5.63 -26.21 10.06
N ASP A 710 4.63 -27.08 9.84
CA ASP A 710 4.42 -27.69 8.53
C ASP A 710 3.34 -27.06 7.64
N GLU A 711 3.09 -25.76 7.80
CA GLU A 711 2.09 -25.09 6.95
C GLU A 711 2.68 -24.62 5.62
N TYR A 712 3.24 -25.58 4.84
CA TYR A 712 3.82 -25.37 3.52
C TYR A 712 3.76 -26.65 2.69
N GLU A 713 3.59 -26.51 1.38
CA GLU A 713 3.51 -27.65 0.47
C GLU A 713 4.84 -27.96 -0.20
N SER A 714 5.47 -29.10 0.14
CA SER A 714 6.76 -29.48 -0.46
C SER A 714 6.68 -30.76 -1.30
N SER A 715 6.89 -30.65 -2.62
CA SER A 715 6.86 -31.78 -3.55
C SER A 715 8.12 -31.84 -4.43
N ASN A 716 8.48 -33.06 -4.89
CA ASN A 716 9.65 -33.31 -5.73
C ASN A 716 10.93 -32.73 -5.10
N VAL A 717 11.15 -33.07 -3.82
CA VAL A 717 12.30 -32.60 -3.06
C VAL A 717 13.34 -33.71 -3.02
N THR A 718 14.28 -33.63 -3.95
CA THR A 718 15.32 -34.63 -4.11
C THR A 718 16.51 -34.39 -3.21
N TYR A 719 16.78 -35.31 -2.26
CA TYR A 719 17.97 -35.20 -1.42
C TYR A 719 19.13 -35.86 -2.21
N ASP A 720 20.14 -35.05 -2.61
CA ASP A 720 21.36 -35.34 -3.38
C ASP A 720 21.09 -35.48 -4.89
#